data_2WQA
#
_entry.id   2WQA
#
_cell.length_a   138.662
_cell.length_b   138.662
_cell.length_c   122.789
_cell.angle_alpha   90.00
_cell.angle_beta   90.00
_cell.angle_gamma   90.00
#
_symmetry.space_group_name_H-M   'P 41'
#
loop_
_entity.id
_entity.type
_entity.pdbx_description
1 polymer TRANSTHYRETIN
2 polymer 'RETINOL-BINDING PROTEIN 4'
3 non-polymer 'SULFATE ION'
4 non-polymer 'OLEIC ACID'
5 water water
#
loop_
_entity_poly.entity_id
_entity_poly.type
_entity_poly.pdbx_seq_one_letter_code
_entity_poly.pdbx_strand_id
1 'polypeptide(L)'
;GSGPTGTGESKCPLMVKVLDAVRGSPAINVAVHVFRKAADDTWEPFASGKTSESGELHGLTTEEEFVEGIYKVEIDTKSY
WKALGISPFHEHAEVVFTANDSGPRRYTIAALLSPYSYSTTAVVTNPKE
;
A,B,C,D
2 'polypeptide(L)'
;GERDCRVSSFRVKENFDKARFSGTWYAMAKKDPEGLFLQDNIVAEFSVDETGQMSATAKGRVRLLNNWDVCADMVGTFTD
TEDPAKFKMKYWGVASFLQKGNDDHWIVDTDYDTYAVQYSCRLLNLDGTCADSYSFVFSRDPNGLPPEAQKIVRQRQEEL
CLARQYRLIVHNGYCDG
;
E,F
#
# COMPACT_ATOMS: atom_id res chain seq x y z
N LYS A 11 10.98 23.41 7.26
CA LYS A 11 10.56 22.98 5.88
C LYS A 11 9.02 22.85 5.72
N CYS A 12 8.59 22.11 4.68
CA CYS A 12 7.17 21.98 4.33
C CYS A 12 6.39 21.21 5.37
N PRO A 13 5.32 21.81 5.90
CA PRO A 13 4.45 21.07 6.79
C PRO A 13 3.57 20.04 6.08
N LEU A 14 3.41 20.16 4.75
CA LEU A 14 2.58 19.22 3.98
C LEU A 14 3.25 18.87 2.67
N MET A 15 3.44 17.58 2.46
CA MET A 15 3.93 17.05 1.20
C MET A 15 3.07 15.90 0.69
N VAL A 16 2.88 15.87 -0.63
CA VAL A 16 2.13 14.77 -1.22
C VAL A 16 3.06 14.00 -2.12
N LYS A 17 2.82 12.69 -2.21
CA LYS A 17 3.65 11.82 -3.04
C LYS A 17 2.77 10.79 -3.73
N VAL A 18 3.01 10.61 -5.02
CA VAL A 18 2.17 9.70 -5.82
C VAL A 18 2.99 8.71 -6.68
N LEU A 19 2.59 7.44 -6.60
CA LEU A 19 3.27 6.35 -7.25
C LEU A 19 2.27 5.56 -8.07
N ASP A 20 2.74 5.09 -9.22
CA ASP A 20 1.99 4.32 -10.22
C ASP A 20 2.33 2.88 -9.99
N ALA A 21 1.34 2.12 -9.57
CA ALA A 21 1.54 0.70 -9.26
C ALA A 21 1.59 -0.16 -10.50
N VAL A 22 1.18 0.40 -11.65
CA VAL A 22 1.12 -0.37 -12.88
C VAL A 22 2.44 -0.27 -13.65
N ARG A 23 3.06 0.90 -13.62
CA ARG A 23 4.24 1.17 -14.40
C ARG A 23 5.49 1.16 -13.53
N GLY A 24 5.30 0.95 -12.24
CA GLY A 24 6.39 1.00 -11.27
C GLY A 24 7.18 2.28 -11.23
N SER A 25 6.49 3.41 -11.33
CA SER A 25 7.20 4.69 -11.34
C SER A 25 6.45 5.85 -10.68
N PRO A 26 7.15 6.99 -10.49
CA PRO A 26 6.56 8.21 -9.99
C PRO A 26 5.35 8.54 -10.82
N ALA A 27 4.20 8.77 -10.17
CA ALA A 27 3.02 9.30 -10.88
C ALA A 27 3.15 10.80 -11.12
N ILE A 28 3.71 11.15 -12.28
CA ILE A 28 4.05 12.53 -12.66
C ILE A 28 2.80 13.33 -13.10
N ASN A 29 2.82 14.64 -12.87
CA ASN A 29 1.68 15.55 -13.17
C ASN A 29 0.28 15.22 -12.68
N VAL A 30 0.18 14.80 -11.43
CA VAL A 30 -1.14 14.48 -10.90
C VAL A 30 -1.74 15.69 -10.21
N ALA A 31 -3.00 15.95 -10.54
CA ALA A 31 -3.77 17.03 -9.94
C ALA A 31 -4.15 16.65 -8.53
N VAL A 32 -3.68 17.46 -7.60
CA VAL A 32 -4.00 17.33 -6.19
C VAL A 32 -4.63 18.63 -5.69
N HIS A 33 -5.82 18.50 -5.10
CA HIS A 33 -6.48 19.66 -4.49
C HIS A 33 -6.70 19.46 -3.00
N VAL A 34 -6.51 20.52 -2.22
CA VAL A 34 -6.74 20.49 -0.76
C VAL A 34 -7.81 21.48 -0.28
N PHE A 35 -8.58 21.05 0.71
CA PHE A 35 -9.69 21.82 1.29
C PHE A 35 -9.64 21.80 2.82
N ARG A 36 -10.09 22.88 3.47
CA ARG A 36 -10.33 22.86 4.93
C ARG A 36 -11.79 23.03 5.24
N LYS A 37 -12.37 22.07 5.99
CA LYS A 37 -13.76 22.12 6.42
C LYS A 37 -14.00 23.43 7.12
N ALA A 38 -15.16 24.02 6.82
CA ALA A 38 -15.54 25.35 7.30
C ALA A 38 -16.45 25.22 8.53
N ALA A 39 -16.81 26.35 9.14
CA ALA A 39 -17.76 26.36 10.28
C ALA A 39 -19.10 25.73 9.87
N ASP A 40 -19.46 25.94 8.61
CA ASP A 40 -20.72 25.51 8.03
C ASP A 40 -20.71 24.16 7.30
N ASP A 41 -19.61 23.40 7.42
CA ASP A 41 -19.45 22.06 6.76
C ASP A 41 -19.20 22.09 5.24
N THR A 42 -18.60 23.16 4.79
CA THR A 42 -18.27 23.36 3.40
C THR A 42 -16.76 23.23 3.26
N TRP A 43 -16.31 22.57 2.20
CA TRP A 43 -14.89 22.56 1.86
C TRP A 43 -14.46 23.88 1.22
N GLU A 44 -13.66 24.66 1.95
CA GLU A 44 -13.09 25.90 1.41
C GLU A 44 -11.84 25.51 0.67
N PRO A 45 -11.76 25.80 -0.64
CA PRO A 45 -10.48 25.69 -1.35
C PRO A 45 -9.29 26.24 -0.55
N PHE A 46 -8.26 25.41 -0.41
CA PHE A 46 -7.13 25.70 0.46
C PHE A 46 -5.81 25.79 -0.29
N ALA A 47 -5.41 24.68 -0.93
CA ALA A 47 -4.19 24.63 -1.72
C ALA A 47 -4.39 23.75 -2.94
N SER A 48 -3.48 23.86 -3.90
CA SER A 48 -3.64 23.26 -5.24
C SER A 48 -2.28 23.04 -5.93
N GLY A 49 -2.14 21.93 -6.66
CA GLY A 49 -0.97 21.73 -7.52
C GLY A 49 -0.84 20.42 -8.28
N LYS A 50 0.31 20.24 -8.92
CA LYS A 50 0.58 19.04 -9.71
C LYS A 50 1.92 18.40 -9.36
N THR A 51 1.96 17.08 -9.36
CA THR A 51 3.16 16.34 -8.93
C THR A 51 4.32 16.47 -9.88
N SER A 52 5.51 16.66 -9.34
CA SER A 52 6.71 16.81 -10.12
C SER A 52 7.16 15.51 -10.80
N GLU A 53 8.42 15.51 -11.23
CA GLU A 53 9.04 14.40 -11.94
C GLU A 53 9.18 13.15 -11.08
N SER A 54 9.50 13.40 -9.81
CA SER A 54 9.68 12.39 -8.79
C SER A 54 8.37 11.90 -8.16
N GLY A 55 7.26 12.57 -8.44
CA GLY A 55 5.95 12.13 -7.93
C GLY A 55 5.55 12.93 -6.72
N GLU A 56 6.22 14.06 -6.55
CA GLU A 56 6.23 14.84 -5.32
C GLU A 56 5.76 16.28 -5.47
N LEU A 57 4.65 16.58 -4.81
CA LEU A 57 4.17 17.94 -4.65
C LEU A 57 4.76 18.53 -3.37
N HIS A 58 5.79 19.35 -3.50
CA HIS A 58 6.32 20.10 -2.36
C HIS A 58 5.69 21.47 -2.31
N GLY A 59 5.84 22.18 -1.20
CA GLY A 59 5.53 23.61 -1.12
C GLY A 59 4.07 24.02 -1.18
N LEU A 60 3.16 23.08 -0.99
CA LEU A 60 1.72 23.35 -0.91
C LEU A 60 1.22 24.48 0.05
N THR A 61 1.90 24.67 1.18
CA THR A 61 1.55 25.71 2.19
C THR A 61 2.74 26.10 3.10
N THR A 62 2.50 26.91 4.12
CA THR A 62 3.56 27.33 5.04
C THR A 62 3.19 27.02 6.47
N GLU A 63 4.21 27.01 7.33
CA GLU A 63 4.03 26.63 8.74
C GLU A 63 2.84 27.41 9.30
N GLU A 64 2.87 28.72 9.08
CA GLU A 64 1.90 29.65 9.62
C GLU A 64 0.47 29.45 9.08
N GLU A 65 0.33 29.26 7.78
CA GLU A 65 -1.00 29.30 7.16
C GLU A 65 -1.77 28.02 7.39
N PHE A 66 -1.03 26.99 7.76
CA PHE A 66 -1.59 25.67 7.96
C PHE A 66 -1.93 25.52 9.45
N VAL A 67 -3.22 25.54 9.73
CA VAL A 67 -3.73 25.71 11.08
C VAL A 67 -4.66 24.56 11.45
N GLU A 68 -4.97 24.47 12.73
CA GLU A 68 -5.81 23.40 13.22
C GLU A 68 -7.10 23.32 12.41
N GLY A 69 -7.49 22.12 12.00
CA GLY A 69 -8.70 21.95 11.21
C GLY A 69 -8.79 20.55 10.66
N ILE A 70 -9.81 20.33 9.85
CA ILE A 70 -10.00 19.08 9.16
C ILE A 70 -9.67 19.35 7.69
N TYR A 71 -8.89 18.47 7.07
CA TYR A 71 -8.48 18.67 5.67
C TYR A 71 -8.83 17.50 4.77
N LYS A 72 -9.11 17.84 3.52
CA LYS A 72 -9.40 16.90 2.46
C LYS A 72 -8.35 17.11 1.38
N VAL A 73 -7.49 16.11 1.21
CA VAL A 73 -6.61 16.02 0.05
C VAL A 73 -7.26 15.13 -0.99
N GLU A 74 -7.57 15.76 -2.12
CA GLU A 74 -8.22 15.11 -3.23
C GLU A 74 -7.28 14.93 -4.39
N ILE A 75 -7.12 13.68 -4.80
CA ILE A 75 -6.19 13.37 -5.85
C ILE A 75 -6.93 12.97 -7.11
N ASP A 76 -6.60 13.65 -8.20
CA ASP A 76 -7.23 13.40 -9.51
C ASP A 76 -6.66 12.15 -10.22
N THR A 77 -6.92 11.02 -9.59
CA THR A 77 -6.51 9.75 -10.12
C THR A 77 -7.14 9.50 -11.49
N LYS A 78 -8.42 9.83 -11.65
CA LYS A 78 -9.15 9.61 -12.91
C LYS A 78 -8.53 10.32 -14.11
N SER A 79 -8.18 11.61 -13.98
CA SER A 79 -7.43 12.30 -15.03
C SER A 79 -6.18 11.56 -15.44
N TYR A 80 -5.41 11.10 -14.46
CA TYR A 80 -4.14 10.40 -14.71
C TYR A 80 -4.33 9.15 -15.58
N TRP A 81 -5.21 8.25 -15.11
CA TRP A 81 -5.54 7.01 -15.80
C TRP A 81 -6.14 7.15 -17.25
N LYS A 82 -7.07 8.09 -17.43
CA LYS A 82 -7.62 8.37 -18.75
C LYS A 82 -6.55 8.95 -19.68
N ALA A 83 -5.74 9.89 -19.18
CA ALA A 83 -4.70 10.46 -20.03
C ALA A 83 -3.71 9.40 -20.50
N LEU A 84 -3.85 8.18 -19.98
CA LEU A 84 -3.00 7.06 -20.35
C LEU A 84 -3.79 6.01 -21.10
N GLY A 85 -5.09 6.24 -21.25
CA GLY A 85 -5.94 5.30 -21.93
C GLY A 85 -6.52 4.15 -21.13
N ILE A 86 -6.40 4.18 -19.80
CA ILE A 86 -7.13 3.18 -19.02
C ILE A 86 -8.39 3.81 -18.46
N SER A 87 -9.44 2.99 -18.33
CA SER A 87 -10.68 3.47 -17.73
C SER A 87 -10.73 3.12 -16.23
N PRO A 88 -10.53 4.14 -15.36
CA PRO A 88 -10.38 3.89 -13.93
C PRO A 88 -11.71 3.62 -13.26
N PHE A 89 -11.68 3.05 -12.06
CA PHE A 89 -12.88 2.93 -11.25
C PHE A 89 -13.23 4.16 -10.41
N HIS A 90 -12.22 4.88 -9.94
CA HIS A 90 -12.45 5.94 -8.98
C HIS A 90 -12.44 7.28 -9.68
N GLU A 91 -13.40 8.12 -9.28
CA GLU A 91 -13.52 9.54 -9.66
C GLU A 91 -12.31 10.39 -9.28
N HIS A 92 -11.77 10.08 -8.11
CA HIS A 92 -10.63 10.75 -7.48
C HIS A 92 -10.32 9.92 -6.24
N ALA A 93 -9.28 10.31 -5.50
CA ALA A 93 -8.96 9.69 -4.22
C ALA A 93 -8.95 10.75 -3.12
N GLU A 94 -9.87 10.63 -2.17
CA GLU A 94 -9.96 11.54 -1.01
C GLU A 94 -9.18 11.00 0.17
N VAL A 95 -8.44 11.88 0.83
CA VAL A 95 -7.83 11.58 2.13
C VAL A 95 -8.30 12.68 3.08
N VAL A 96 -9.14 12.31 4.04
CA VAL A 96 -9.68 13.29 5.00
C VAL A 96 -9.07 13.16 6.39
N PHE A 97 -8.50 14.23 6.90
CA PHE A 97 -7.78 14.14 8.17
C PHE A 97 -7.72 15.42 9.00
N THR A 98 -7.60 15.25 10.32
CA THR A 98 -7.35 16.37 11.22
C THR A 98 -5.86 16.63 11.24
N ALA A 99 -5.47 17.89 11.17
CA ALA A 99 -4.06 18.22 11.17
C ALA A 99 -3.86 19.36 12.12
N ASN A 100 -2.63 19.44 12.66
CA ASN A 100 -2.15 20.45 13.62
C ASN A 100 -2.85 20.62 14.98
N ASP A 101 -3.52 19.58 15.43
CA ASP A 101 -4.24 19.68 16.68
C ASP A 101 -3.37 19.20 17.83
N SER A 102 -2.16 18.76 17.52
CA SER A 102 -1.39 18.08 18.52
C SER A 102 0.09 18.46 18.47
N GLY A 103 0.32 19.76 18.52
CA GLY A 103 1.66 20.31 18.51
C GLY A 103 2.12 20.58 17.10
N PRO A 104 3.33 21.15 16.93
CA PRO A 104 3.76 21.48 15.57
C PRO A 104 4.45 20.28 14.88
N ARG A 105 3.91 19.84 13.76
CA ARG A 105 4.34 18.62 13.08
C ARG A 105 4.39 18.76 11.54
N ARG A 106 5.18 17.91 10.89
CA ARG A 106 5.20 17.86 9.42
C ARG A 106 4.38 16.67 8.95
N TYR A 107 3.56 16.85 7.91
CA TYR A 107 2.67 15.78 7.37
C TYR A 107 3.07 15.32 5.96
N THR A 108 3.03 14.01 5.70
CA THR A 108 3.32 13.46 4.38
C THR A 108 2.22 12.50 3.94
N ILE A 109 1.49 12.91 2.89
CA ILE A 109 0.51 12.00 2.30
C ILE A 109 1.23 11.26 1.17
N ALA A 110 1.00 9.96 1.07
CA ALA A 110 1.56 9.19 -0.02
C ALA A 110 0.44 8.37 -0.55
N ALA A 111 0.30 8.36 -1.87
CA ALA A 111 -0.74 7.53 -2.47
C ALA A 111 -0.13 6.66 -3.56
N LEU A 112 -0.59 5.43 -3.57
CA LEU A 112 -0.13 4.44 -4.50
C LEU A 112 -1.34 4.02 -5.35
N LEU A 113 -1.20 4.19 -6.67
CA LEU A 113 -2.33 4.19 -7.56
C LEU A 113 -2.46 2.96 -8.42
N SER A 114 -3.70 2.50 -8.56
CA SER A 114 -4.09 1.47 -9.53
C SER A 114 -5.51 1.76 -10.05
N PRO A 115 -5.85 1.21 -11.22
CA PRO A 115 -7.14 1.56 -11.83
C PRO A 115 -8.33 1.34 -10.89
N TYR A 116 -8.34 0.20 -10.22
CA TYR A 116 -9.47 -0.18 -9.40
C TYR A 116 -9.14 -0.17 -7.91
N SER A 117 -8.05 0.52 -7.57
CA SER A 117 -7.49 0.43 -6.24
C SER A 117 -6.51 1.53 -5.96
N TYR A 118 -6.47 1.95 -4.69
CA TYR A 118 -5.40 2.81 -4.20
C TYR A 118 -5.25 2.69 -2.70
N SER A 119 -4.03 2.92 -2.24
CA SER A 119 -3.76 2.97 -0.83
C SER A 119 -3.22 4.34 -0.50
N THR A 120 -3.61 4.85 0.65
CA THR A 120 -2.96 6.06 1.13
C THR A 120 -2.36 5.85 2.51
N THR A 121 -1.27 6.58 2.77
CA THR A 121 -0.59 6.48 4.04
C THR A 121 0.00 7.82 4.46
N ALA A 122 0.12 7.97 5.78
CA ALA A 122 0.57 9.20 6.39
C ALA A 122 1.90 9.07 7.12
N VAL A 123 2.79 10.05 6.98
CA VAL A 123 3.99 10.05 7.79
C VAL A 123 4.13 11.40 8.46
N VAL A 124 3.63 11.43 9.70
CA VAL A 124 3.69 12.63 10.52
C VAL A 124 4.89 12.48 11.45
N THR A 125 5.66 13.55 11.60
CA THR A 125 6.91 13.49 12.35
C THR A 125 6.83 14.38 13.57
N ASN A 126 7.26 13.88 14.75
CA ASN A 126 7.15 14.62 16.04
C ASN A 126 7.89 15.95 16.02
N GLY B 3 -41.08 -7.20 -10.39
CA GLY B 3 -41.60 -6.46 -11.59
C GLY B 3 -42.58 -5.35 -11.19
N LYS B 11 -30.42 -10.78 -3.90
CA LYS B 11 -29.01 -10.54 -3.62
C LYS B 11 -28.59 -9.11 -4.05
N CYS B 12 -28.16 -8.32 -3.06
CA CYS B 12 -27.79 -6.89 -3.22
C CYS B 12 -26.71 -6.59 -4.28
N PRO B 13 -26.90 -5.49 -5.05
CA PRO B 13 -25.95 -5.02 -6.07
C PRO B 13 -24.77 -4.22 -5.52
N LEU B 14 -24.78 -3.93 -4.22
CA LEU B 14 -23.68 -3.21 -3.58
C LEU B 14 -23.33 -3.82 -2.21
N MET B 15 -22.18 -4.50 -2.13
CA MET B 15 -21.69 -5.13 -0.90
C MET B 15 -20.39 -4.45 -0.45
N VAL B 16 -20.23 -4.24 0.86
CA VAL B 16 -18.99 -3.67 1.42
C VAL B 16 -18.33 -4.65 2.40
N LYS B 17 -17.06 -4.96 2.15
CA LYS B 17 -16.26 -5.82 3.01
C LYS B 17 -15.15 -4.93 3.58
N VAL B 18 -14.97 -4.94 4.90
CA VAL B 18 -13.92 -4.14 5.58
C VAL B 18 -13.05 -5.03 6.46
N LEU B 19 -11.73 -4.84 6.42
CA LEU B 19 -10.82 -5.66 7.20
C LEU B 19 -9.92 -4.85 8.12
N ASP B 20 -9.49 -5.49 9.21
CA ASP B 20 -8.55 -4.91 10.17
C ASP B 20 -7.16 -5.48 9.94
N ALA B 21 -6.25 -4.64 9.44
CA ALA B 21 -4.90 -5.06 9.09
C ALA B 21 -4.03 -5.29 10.29
N VAL B 22 -4.53 -4.86 11.44
CA VAL B 22 -3.74 -4.80 12.66
C VAL B 22 -4.03 -6.03 13.52
N ARG B 23 -5.32 -6.27 13.78
CA ARG B 23 -5.73 -7.45 14.54
C ARG B 23 -5.93 -8.70 13.69
N GLY B 24 -6.16 -8.50 12.39
CA GLY B 24 -6.20 -9.61 11.45
C GLY B 24 -7.52 -10.30 11.47
N SER B 25 -8.56 -9.55 11.18
CA SER B 25 -9.91 -10.04 11.31
C SER B 25 -10.86 -9.05 10.67
N PRO B 26 -12.15 -9.43 10.54
CA PRO B 26 -13.06 -8.41 10.01
C PRO B 26 -13.07 -7.23 10.93
N ALA B 27 -13.28 -6.05 10.38
CA ALA B 27 -13.62 -4.92 11.18
C ALA B 27 -15.12 -5.11 11.46
N ILE B 28 -15.45 -5.48 12.71
CA ILE B 28 -16.85 -5.62 13.14
C ILE B 28 -17.39 -4.27 13.59
N ASN B 29 -18.70 -4.05 13.42
CA ASN B 29 -19.39 -2.82 13.84
C ASN B 29 -18.90 -1.47 13.25
N VAL B 30 -18.18 -1.55 12.13
CA VAL B 30 -17.82 -0.34 11.39
C VAL B 30 -19.07 0.24 10.72
N ALA B 31 -19.37 1.50 11.07
CA ALA B 31 -20.50 2.20 10.48
C ALA B 31 -20.16 2.66 9.08
N VAL B 32 -21.02 2.27 8.14
CA VAL B 32 -20.87 2.62 6.73
C VAL B 32 -22.07 3.45 6.27
N HIS B 33 -21.81 4.59 5.65
CA HIS B 33 -22.89 5.43 5.16
C HIS B 33 -22.74 5.66 3.67
N VAL B 34 -23.79 5.34 2.90
CA VAL B 34 -23.77 5.52 1.43
C VAL B 34 -24.58 6.74 0.99
N PHE B 35 -23.98 7.53 0.10
CA PHE B 35 -24.59 8.73 -0.41
C PHE B 35 -24.67 8.63 -1.92
N ARG B 36 -25.64 9.34 -2.54
CA ARG B 36 -25.64 9.54 -4.01
C ARG B 36 -25.70 11.02 -4.42
N LYS B 37 -25.36 11.33 -5.67
CA LYS B 37 -25.27 12.73 -6.06
C LYS B 37 -26.51 13.24 -6.79
N ALA B 38 -26.90 14.48 -6.46
CA ALA B 38 -28.11 15.12 -6.97
C ALA B 38 -27.82 16.14 -8.09
N ALA B 39 -28.87 16.60 -8.76
CA ALA B 39 -28.75 17.63 -9.81
C ALA B 39 -27.85 18.80 -9.40
N ASP B 40 -28.05 19.28 -8.18
CA ASP B 40 -27.41 20.51 -7.69
C ASP B 40 -26.01 20.31 -7.09
N ASP B 41 -25.66 19.05 -6.80
CA ASP B 41 -24.30 18.64 -6.35
C ASP B 41 -24.11 18.53 -4.81
N THR B 42 -25.08 17.90 -4.16
CA THR B 42 -24.96 17.50 -2.76
C THR B 42 -25.22 16.02 -2.68
N TRP B 43 -25.24 15.47 -1.48
CA TRP B 43 -25.35 14.03 -1.36
C TRP B 43 -26.62 13.60 -0.66
N GLU B 44 -27.34 12.68 -1.29
CA GLU B 44 -28.52 12.08 -0.69
C GLU B 44 -28.05 11.02 0.25
N PRO B 45 -28.56 11.02 1.48
CA PRO B 45 -28.39 9.80 2.29
C PRO B 45 -29.12 8.65 1.58
N PHE B 46 -28.36 7.84 0.84
CA PHE B 46 -28.94 6.76 0.04
C PHE B 46 -29.14 5.47 0.84
N ALA B 47 -28.09 4.98 1.48
CA ALA B 47 -28.19 3.80 2.34
C ALA B 47 -27.37 3.94 3.64
N SER B 48 -27.56 2.98 4.55
CA SER B 48 -27.03 3.06 5.91
C SER B 48 -26.89 1.65 6.48
N GLY B 49 -25.85 1.42 7.28
CA GLY B 49 -25.67 0.12 7.95
C GLY B 49 -24.41 0.05 8.78
N LYS B 50 -24.06 -1.16 9.19
CA LYS B 50 -22.86 -1.41 9.99
C LYS B 50 -22.32 -2.76 9.59
N THR B 51 -20.99 -2.89 9.55
CA THR B 51 -20.41 -4.17 9.17
C THR B 51 -20.83 -5.22 10.17
N SER B 52 -21.14 -6.41 9.67
CA SER B 52 -21.58 -7.52 10.52
C SER B 52 -20.39 -8.23 11.16
N GLU B 53 -20.69 -9.34 11.83
CA GLU B 53 -19.70 -10.19 12.53
C GLU B 53 -18.53 -10.65 11.61
N SER B 54 -18.77 -10.60 10.30
CA SER B 54 -17.77 -10.98 9.29
C SER B 54 -17.32 -9.76 8.49
N GLY B 55 -17.84 -8.60 8.89
CA GLY B 55 -17.39 -7.31 8.39
C GLY B 55 -18.02 -6.88 7.08
N GLU B 56 -19.04 -7.62 6.65
CA GLU B 56 -19.69 -7.33 5.38
C GLU B 56 -21.01 -6.57 5.61
N LEU B 57 -21.39 -5.75 4.64
CA LEU B 57 -22.69 -5.06 4.67
C LEU B 57 -23.63 -5.46 3.50
N HIS B 58 -24.39 -6.53 3.72
CA HIS B 58 -25.37 -7.01 2.75
C HIS B 58 -26.73 -6.36 2.98
N GLY B 59 -27.50 -6.28 1.88
CA GLY B 59 -28.82 -5.68 1.90
C GLY B 59 -28.76 -4.16 2.05
N LEU B 60 -27.74 -3.53 1.48
CA LEU B 60 -27.66 -2.08 1.52
C LEU B 60 -28.72 -1.43 0.66
N THR B 61 -29.06 -2.13 -0.43
CA THR B 61 -30.00 -1.61 -1.41
C THR B 61 -30.44 -2.72 -2.38
N THR B 62 -31.44 -2.41 -3.20
CA THR B 62 -32.01 -3.32 -4.22
C THR B 62 -31.74 -2.82 -5.65
N GLU B 63 -31.64 -3.76 -6.59
CA GLU B 63 -31.33 -3.45 -7.99
C GLU B 63 -32.04 -2.21 -8.57
N GLU B 64 -33.33 -2.07 -8.31
CA GLU B 64 -34.16 -1.02 -8.96
C GLU B 64 -33.93 0.41 -8.44
N GLU B 65 -33.92 0.57 -7.10
CA GLU B 65 -33.60 1.87 -6.47
C GLU B 65 -32.16 2.33 -6.75
N PHE B 66 -31.26 1.34 -6.91
CA PHE B 66 -29.84 1.55 -7.27
C PHE B 66 -29.73 2.09 -8.71
N VAL B 67 -30.22 3.33 -8.92
CA VAL B 67 -30.27 3.99 -10.23
C VAL B 67 -28.88 4.48 -10.68
N GLU B 68 -28.78 5.09 -11.86
CA GLU B 68 -27.51 5.65 -12.32
C GLU B 68 -27.13 6.94 -11.58
N GLY B 69 -25.83 7.10 -11.40
CA GLY B 69 -25.29 8.31 -10.82
C GLY B 69 -23.94 8.11 -10.16
N ILE B 70 -23.41 9.23 -9.67
CA ILE B 70 -22.18 9.26 -8.88
C ILE B 70 -22.57 8.88 -7.43
N TYR B 71 -21.77 7.98 -6.85
CA TYR B 71 -21.98 7.42 -5.51
C TYR B 71 -20.72 7.52 -4.61
N LYS B 72 -20.94 7.82 -3.32
CA LYS B 72 -19.87 7.91 -2.31
C LYS B 72 -20.13 6.90 -1.20
N VAL B 73 -19.21 5.95 -1.01
CA VAL B 73 -19.28 5.06 0.15
C VAL B 73 -18.33 5.57 1.23
N GLU B 74 -18.90 5.93 2.38
CA GLU B 74 -18.13 6.47 3.51
C GLU B 74 -18.08 5.48 4.66
N ILE B 75 -16.85 5.11 5.01
CA ILE B 75 -16.57 4.11 6.04
C ILE B 75 -15.99 4.82 7.27
N ASP B 76 -16.68 4.68 8.41
CA ASP B 76 -16.24 5.28 9.66
C ASP B 76 -15.08 4.50 10.27
N THR B 77 -13.86 4.93 9.97
CA THR B 77 -12.68 4.28 10.48
C THR B 77 -12.32 4.86 11.87
N LYS B 78 -12.53 6.16 12.01
CA LYS B 78 -12.15 6.85 13.22
C LYS B 78 -12.71 6.15 14.45
N SER B 79 -14.02 5.92 14.49
CA SER B 79 -14.65 5.22 15.62
C SER B 79 -14.01 3.87 15.94
N TYR B 80 -13.86 3.07 14.89
CA TYR B 80 -13.20 1.80 15.01
C TYR B 80 -11.90 1.94 15.83
N TRP B 81 -11.03 2.89 15.45
CA TRP B 81 -9.70 2.95 16.05
C TRP B 81 -9.68 3.57 17.44
N LYS B 82 -10.46 4.64 17.62
CA LYS B 82 -10.56 5.36 18.91
C LYS B 82 -11.06 4.41 19.99
N ALA B 83 -12.07 3.62 19.66
CA ALA B 83 -12.58 2.59 20.57
C ALA B 83 -11.55 1.48 20.93
N LEU B 84 -10.28 1.71 20.58
CA LEU B 84 -9.20 0.74 20.80
C LEU B 84 -7.91 1.43 21.31
N GLY B 85 -8.03 2.72 21.66
CA GLY B 85 -6.92 3.47 22.25
C GLY B 85 -6.24 4.45 21.33
N ILE B 86 -6.19 4.10 20.04
CA ILE B 86 -5.45 4.89 19.03
C ILE B 86 -6.17 6.15 18.61
N SER B 87 -5.40 7.23 18.48
CA SER B 87 -5.83 8.43 17.77
C SER B 87 -5.42 8.26 16.30
N PRO B 88 -6.36 7.79 15.44
CA PRO B 88 -6.00 7.51 14.05
C PRO B 88 -5.83 8.78 13.24
N PHE B 89 -5.26 8.64 12.05
CA PHE B 89 -5.01 9.77 11.16
C PHE B 89 -6.23 10.22 10.38
N HIS B 90 -6.96 9.26 9.81
CA HIS B 90 -8.07 9.58 8.93
C HIS B 90 -9.38 9.71 9.66
N GLU B 91 -10.14 10.73 9.29
CA GLU B 91 -11.56 10.87 9.64
C GLU B 91 -12.46 9.67 9.27
N HIS B 92 -12.19 9.08 8.11
CA HIS B 92 -13.01 8.04 7.54
C HIS B 92 -12.41 7.71 6.20
N ALA B 93 -12.88 6.59 5.65
CA ALA B 93 -12.52 6.16 4.30
C ALA B 93 -13.60 6.51 3.29
N GLU B 94 -13.18 6.94 2.09
CA GLU B 94 -14.05 7.60 1.12
C GLU B 94 -13.84 7.13 -0.33
N VAL B 95 -14.63 6.13 -0.73
CA VAL B 95 -14.71 5.63 -2.13
C VAL B 95 -15.78 6.39 -2.97
N VAL B 96 -15.37 7.01 -4.08
CA VAL B 96 -16.30 7.74 -4.93
C VAL B 96 -16.28 7.24 -6.39
N PHE B 97 -17.41 6.75 -6.88
CA PHE B 97 -17.43 6.11 -8.20
C PHE B 97 -18.73 6.31 -8.95
N THR B 98 -18.67 6.38 -10.29
CA THR B 98 -19.88 6.35 -11.13
C THR B 98 -20.38 4.92 -11.24
N ALA B 99 -21.68 4.73 -11.01
CA ALA B 99 -22.27 3.40 -11.12
C ALA B 99 -23.44 3.32 -12.12
N ASN B 100 -23.36 2.30 -12.98
CA ASN B 100 -24.42 1.93 -13.93
C ASN B 100 -24.65 2.87 -15.12
N ASP B 101 -23.59 3.39 -15.72
CA ASP B 101 -23.79 4.17 -16.94
C ASP B 101 -23.74 3.30 -18.21
N SER B 102 -23.84 1.98 -18.02
CA SER B 102 -23.98 1.01 -19.12
C SER B 102 -24.67 -0.27 -18.63
N GLY B 103 -25.99 -0.16 -18.37
CA GLY B 103 -26.79 -1.26 -17.84
C GLY B 103 -26.47 -1.61 -16.39
N PRO B 104 -26.84 -2.84 -15.94
CA PRO B 104 -26.56 -3.25 -14.56
C PRO B 104 -25.12 -3.77 -14.35
N ARG B 105 -24.73 -3.90 -13.08
CA ARG B 105 -23.38 -4.28 -12.64
C ARG B 105 -23.36 -4.46 -11.11
N ARG B 106 -22.64 -5.46 -10.59
CA ARG B 106 -22.64 -5.73 -9.15
C ARG B 106 -21.30 -5.38 -8.47
N TYR B 107 -21.33 -4.36 -7.61
CA TYR B 107 -20.13 -3.77 -6.97
C TYR B 107 -19.86 -4.30 -5.56
N THR B 108 -18.58 -4.55 -5.27
CA THR B 108 -18.13 -4.87 -3.92
C THR B 108 -16.93 -3.99 -3.57
N ILE B 109 -17.18 -2.89 -2.86
CA ILE B 109 -16.11 -2.07 -2.28
C ILE B 109 -15.39 -2.76 -1.08
N ALA B 110 -14.07 -2.93 -1.18
CA ALA B 110 -13.29 -3.58 -0.12
C ALA B 110 -12.22 -2.63 0.44
N ALA B 111 -12.02 -2.67 1.77
CA ALA B 111 -11.11 -1.75 2.47
C ALA B 111 -10.24 -2.46 3.50
N LEU B 112 -8.94 -2.18 3.45
CA LEU B 112 -7.98 -2.72 4.39
C LEU B 112 -7.52 -1.59 5.31
N LEU B 113 -7.58 -1.83 6.62
CA LEU B 113 -7.49 -0.75 7.61
C LEU B 113 -6.30 -0.76 8.55
N SER B 114 -5.69 0.41 8.67
CA SER B 114 -4.62 0.67 9.64
C SER B 114 -4.73 2.13 10.06
N PRO B 115 -4.35 2.44 11.31
CA PRO B 115 -4.35 3.79 11.86
C PRO B 115 -3.83 4.89 10.94
N TYR B 116 -2.82 4.60 10.14
CA TYR B 116 -2.20 5.65 9.34
C TYR B 116 -2.17 5.32 7.86
N SER B 117 -3.03 4.37 7.49
CA SER B 117 -3.10 3.88 6.15
C SER B 117 -4.35 3.06 5.93
N TYR B 118 -4.95 3.23 4.76
CA TYR B 118 -5.99 2.34 4.28
C TYR B 118 -5.83 2.16 2.78
N SER B 119 -6.18 0.99 2.29
CA SER B 119 -6.26 0.74 0.87
C SER B 119 -7.67 0.34 0.55
N THR B 120 -8.14 0.77 -0.62
CA THR B 120 -9.48 0.46 -1.04
C THR B 120 -9.50 0.01 -2.50
N THR B 121 -10.47 -0.84 -2.81
CA THR B 121 -10.48 -1.57 -4.08
C THR B 121 -11.91 -2.01 -4.43
N ALA B 122 -12.25 -1.99 -5.72
CA ALA B 122 -13.59 -2.33 -6.23
C ALA B 122 -13.59 -3.67 -6.97
N VAL B 123 -14.51 -4.56 -6.63
CA VAL B 123 -14.71 -5.81 -7.35
C VAL B 123 -16.07 -5.74 -8.04
N VAL B 124 -16.03 -5.39 -9.33
CA VAL B 124 -17.21 -5.18 -10.14
C VAL B 124 -17.51 -6.42 -11.04
N THR B 125 -18.80 -6.79 -11.09
CA THR B 125 -19.32 -8.05 -11.68
C THR B 125 -20.55 -7.75 -12.58
N ASN B 126 -20.87 -8.66 -13.50
CA ASN B 126 -21.96 -8.44 -14.47
C ASN B 126 -23.22 -9.31 -14.32
N GLY C 6 36.60 1.12 -16.76
CA GLY C 6 35.29 0.50 -16.40
C GLY C 6 34.70 0.98 -15.08
N THR C 7 35.35 2.00 -14.49
CA THR C 7 34.95 2.63 -13.20
C THR C 7 33.84 3.74 -13.35
N GLY C 8 32.72 3.59 -12.62
CA GLY C 8 31.57 4.53 -12.71
C GLY C 8 31.09 5.17 -11.40
N GLU C 9 30.37 6.30 -11.53
CA GLU C 9 29.83 7.08 -10.38
C GLU C 9 28.78 6.28 -9.57
N SER C 10 28.86 6.37 -8.24
CA SER C 10 28.13 5.45 -7.33
C SER C 10 26.84 5.98 -6.64
N LYS C 11 25.74 6.04 -7.41
CA LYS C 11 24.40 6.19 -6.82
C LYS C 11 23.63 4.86 -6.83
N CYS C 12 22.96 4.58 -5.70
CA CYS C 12 22.51 3.23 -5.35
C CYS C 12 21.57 2.62 -6.36
N PRO C 13 21.98 1.49 -6.95
CA PRO C 13 21.07 0.70 -7.76
C PRO C 13 19.92 0.08 -6.97
N LEU C 14 20.04 -0.01 -5.64
CA LEU C 14 19.03 -0.62 -4.77
C LEU C 14 18.86 0.13 -3.45
N MET C 15 17.64 0.61 -3.21
CA MET C 15 17.26 1.31 -1.96
C MET C 15 16.05 0.63 -1.35
N VAL C 16 16.08 0.40 -0.04
CA VAL C 16 14.92 -0.14 0.65
C VAL C 16 14.33 0.92 1.55
N LYS C 17 13.01 0.91 1.68
CA LYS C 17 12.31 1.86 2.54
C LYS C 17 11.16 1.21 3.29
N VAL C 18 11.11 1.45 4.60
CA VAL C 18 10.10 0.83 5.45
C VAL C 18 9.34 1.85 6.30
N LEU C 19 8.03 1.63 6.38
CA LEU C 19 7.10 2.52 7.01
C LEU C 19 6.16 1.74 7.95
N ASP C 20 5.87 2.37 9.09
CA ASP C 20 4.98 1.85 10.13
C ASP C 20 3.58 2.41 9.95
N ALA C 21 2.65 1.54 9.60
CA ALA C 21 1.28 1.97 9.32
C ALA C 21 0.50 2.17 10.61
N VAL C 22 1.06 1.68 11.72
CA VAL C 22 0.39 1.75 13.01
C VAL C 22 0.76 3.05 13.69
N ARG C 23 1.99 3.49 13.52
CA ARG C 23 2.49 4.68 14.22
C ARG C 23 2.65 5.90 13.32
N GLY C 24 2.39 5.74 12.03
CA GLY C 24 2.57 6.83 11.07
C GLY C 24 3.98 7.36 10.95
N SER C 25 4.97 6.48 11.08
CA SER C 25 6.37 6.91 11.03
C SER C 25 7.33 5.97 10.31
N PRO C 26 8.53 6.48 9.95
CA PRO C 26 9.58 5.64 9.40
C PRO C 26 9.75 4.43 10.27
N ALA C 27 9.74 3.23 9.68
CA ALA C 27 10.04 1.99 10.42
C ALA C 27 11.55 1.89 10.62
N ILE C 28 12.03 2.33 11.77
CA ILE C 28 13.47 2.47 12.04
C ILE C 28 14.12 1.16 12.57
N ASN C 29 15.39 0.96 12.25
CA ASN C 29 16.15 -0.28 12.57
C ASN C 29 15.58 -1.64 12.23
N VAL C 30 15.15 -1.80 10.98
CA VAL C 30 14.57 -3.06 10.54
C VAL C 30 15.64 -3.86 9.83
N ALA C 31 15.68 -5.15 10.13
CA ALA C 31 16.61 -6.07 9.51
C ALA C 31 16.09 -6.42 8.13
N VAL C 32 16.91 -6.12 7.13
CA VAL C 32 16.67 -6.48 5.75
C VAL C 32 17.85 -7.29 5.22
N HIS C 33 17.53 -8.48 4.70
CA HIS C 33 18.53 -9.36 4.07
C HIS C 33 18.22 -9.60 2.61
N VAL C 34 19.26 -9.60 1.76
CA VAL C 34 19.11 -9.91 0.33
C VAL C 34 19.86 -11.16 -0.11
N PHE C 35 19.22 -11.96 -0.98
CA PHE C 35 19.80 -13.18 -1.54
C PHE C 35 19.64 -13.23 -3.07
N ARG C 36 20.63 -13.81 -3.77
CA ARG C 36 20.47 -14.11 -5.21
C ARG C 36 20.40 -15.61 -5.46
N LYS C 37 19.33 -16.05 -6.13
CA LYS C 37 19.12 -17.47 -6.49
C LYS C 37 20.35 -17.98 -7.20
N ALA C 38 20.71 -19.23 -6.88
CA ALA C 38 21.95 -19.84 -7.36
C ALA C 38 21.65 -20.72 -8.56
N ALA C 39 22.72 -21.24 -9.17
CA ALA C 39 22.62 -22.27 -10.22
C ALA C 39 21.82 -23.48 -9.72
N ASP C 40 22.07 -23.86 -8.47
CA ASP C 40 21.39 -24.97 -7.82
C ASP C 40 20.07 -24.63 -7.11
N ASP C 41 19.54 -23.41 -7.33
CA ASP C 41 18.25 -22.95 -6.74
C ASP C 41 18.25 -22.64 -5.24
N THR C 42 19.45 -22.41 -4.71
CA THR C 42 19.64 -22.02 -3.33
C THR C 42 19.78 -20.49 -3.28
N TRP C 43 19.28 -19.89 -2.19
CA TRP C 43 19.45 -18.46 -1.95
C TRP C 43 20.84 -18.20 -1.38
N GLU C 44 21.67 -17.48 -2.13
CA GLU C 44 23.03 -17.16 -1.69
C GLU C 44 22.97 -15.80 -1.04
N PRO C 45 23.42 -15.69 0.22
CA PRO C 45 23.52 -14.37 0.87
C PRO C 45 24.24 -13.32 0.03
N PHE C 46 23.59 -12.17 -0.15
CA PHE C 46 24.06 -11.15 -1.07
C PHE C 46 24.38 -9.82 -0.38
N ALA C 47 23.37 -9.24 0.27
CA ALA C 47 23.55 -7.99 1.01
C ALA C 47 22.76 -8.03 2.30
N SER C 48 23.19 -7.20 3.26
CA SER C 48 22.60 -7.14 4.61
C SER C 48 22.64 -5.71 5.18
N GLY C 49 21.62 -5.36 5.97
CA GLY C 49 21.65 -4.11 6.72
C GLY C 49 20.38 -3.78 7.48
N LYS C 50 20.40 -2.61 8.13
CA LYS C 50 19.28 -2.15 8.97
C LYS C 50 18.87 -0.73 8.62
N THR C 51 17.57 -0.48 8.67
CA THR C 51 17.00 0.79 8.21
C THR C 51 17.41 1.96 9.09
N SER C 52 17.71 3.09 8.46
CA SER C 52 18.11 4.28 9.15
C SER C 52 16.93 4.97 9.84
N GLU C 53 17.18 6.20 10.29
CA GLU C 53 16.23 6.99 11.06
C GLU C 53 15.04 7.45 10.24
N SER C 54 15.31 7.67 8.95
CA SER C 54 14.31 8.06 7.96
C SER C 54 13.54 6.85 7.44
N GLY C 55 14.06 5.65 7.69
CA GLY C 55 13.33 4.43 7.35
C GLY C 55 13.91 3.79 6.11
N GLU C 56 15.09 4.28 5.74
CA GLU C 56 15.77 3.96 4.49
C GLU C 56 17.09 3.21 4.66
N LEU C 57 17.24 2.15 3.87
CA LEU C 57 18.50 1.42 3.78
C LEU C 57 19.19 1.81 2.48
N HIS C 58 20.21 2.67 2.56
CA HIS C 58 21.01 3.03 1.39
C HIS C 58 22.24 2.13 1.21
N GLY C 59 22.95 2.32 0.11
CA GLY C 59 24.28 1.73 -0.09
C GLY C 59 24.41 0.23 0.09
N LEU C 60 23.31 -0.50 -0.06
CA LEU C 60 23.32 -1.96 0.00
C LEU C 60 24.25 -2.74 -0.96
N THR C 61 24.53 -2.18 -2.15
CA THR C 61 25.40 -2.82 -3.18
C THR C 61 25.85 -1.84 -4.27
N THR C 62 26.84 -2.21 -5.07
CA THR C 62 27.31 -1.35 -6.16
C THR C 62 26.73 -1.77 -7.51
N GLU C 63 26.76 -0.83 -8.46
CA GLU C 63 26.28 -1.06 -9.83
C GLU C 63 26.81 -2.38 -10.35
N GLU C 64 28.11 -2.60 -10.13
CA GLU C 64 28.85 -3.72 -10.70
C GLU C 64 28.48 -5.04 -10.07
N GLU C 65 28.31 -5.04 -8.74
CA GLU C 65 28.11 -6.30 -8.04
C GLU C 65 26.69 -6.79 -8.19
N PHE C 66 25.82 -5.87 -8.59
CA PHE C 66 24.40 -6.13 -8.76
C PHE C 66 24.14 -6.53 -10.23
N VAL C 67 24.00 -7.82 -10.45
CA VAL C 67 24.04 -8.37 -11.78
C VAL C 67 22.75 -9.09 -12.08
N GLU C 68 22.55 -9.39 -13.35
CA GLU C 68 21.32 -10.05 -13.77
C GLU C 68 21.08 -11.31 -12.90
N GLY C 69 19.96 -11.34 -12.19
CA GLY C 69 19.59 -12.50 -11.40
C GLY C 69 18.17 -12.41 -10.87
N ILE C 70 17.82 -13.37 -10.01
CA ILE C 70 16.57 -13.36 -9.27
C ILE C 70 16.94 -13.02 -7.82
N TYR C 71 16.21 -12.08 -7.19
CA TYR C 71 16.53 -11.65 -5.81
C TYR C 71 15.36 -11.76 -4.84
N LYS C 72 15.72 -12.08 -3.61
CA LYS C 72 14.81 -12.14 -2.46
C LYS C 72 15.24 -11.05 -1.51
N VAL C 73 14.38 -10.05 -1.34
CA VAL C 73 14.51 -9.13 -0.21
C VAL C 73 13.60 -9.57 0.93
N GLU C 74 14.24 -9.90 2.03
CA GLU C 74 13.59 -10.39 3.22
C GLU C 74 13.68 -9.34 4.32
N ILE C 75 12.51 -8.92 4.80
CA ILE C 75 12.43 -7.91 5.83
C ILE C 75 11.95 -8.53 7.12
N ASP C 76 12.67 -8.24 8.20
CA ASP C 76 12.35 -8.77 9.53
C ASP C 76 11.23 -7.98 10.26
N THR C 77 10.03 -8.14 9.72
CA THR C 77 8.85 -7.55 10.28
C THR C 77 8.60 -8.06 11.70
N LYS C 78 8.64 -9.39 11.87
CA LYS C 78 8.41 -10.04 13.17
C LYS C 78 9.30 -9.48 14.29
N SER C 79 10.61 -9.31 14.02
CA SER C 79 11.52 -8.66 14.97
C SER C 79 11.06 -7.27 15.37
N TYR C 80 10.65 -6.46 14.39
CA TYR C 80 10.23 -5.06 14.63
C TYR C 80 9.00 -5.00 15.55
N TRP C 81 7.95 -5.74 15.20
CA TRP C 81 6.71 -5.84 15.99
C TRP C 81 6.83 -6.43 17.44
N LYS C 82 7.64 -7.47 17.61
CA LYS C 82 7.90 -8.04 18.93
C LYS C 82 8.69 -7.03 19.76
N ALA C 83 9.75 -6.47 19.18
CA ALA C 83 10.59 -5.53 19.94
C ALA C 83 9.84 -4.25 20.33
N LEU C 84 8.51 -4.34 20.28
CA LEU C 84 7.67 -3.17 20.43
C LEU C 84 6.40 -3.55 21.17
N GLY C 85 6.17 -4.85 21.33
CA GLY C 85 5.00 -5.30 22.04
C GLY C 85 3.93 -6.09 21.33
N ILE C 86 3.69 -5.85 20.02
CA ILE C 86 2.57 -6.57 19.38
C ILE C 86 3.04 -7.93 18.89
N SER C 87 2.10 -8.87 18.77
CA SER C 87 2.42 -10.17 18.22
C SER C 87 2.04 -10.26 16.74
N PRO C 88 3.05 -10.21 15.84
CA PRO C 88 2.78 -10.12 14.41
C PRO C 88 2.25 -11.43 13.85
N PHE C 89 1.56 -11.35 12.72
CA PHE C 89 1.22 -12.56 11.97
C PHE C 89 2.38 -13.11 11.12
N HIS C 90 3.17 -12.22 10.53
CA HIS C 90 4.18 -12.66 9.58
C HIS C 90 5.50 -12.91 10.27
N GLU C 91 6.18 -13.96 9.82
CA GLU C 91 7.55 -14.31 10.19
C GLU C 91 8.57 -13.29 9.68
N HIS C 92 8.32 -12.80 8.47
CA HIS C 92 9.15 -11.85 7.72
C HIS C 92 8.34 -11.51 6.48
N ALA C 93 8.79 -10.52 5.71
CA ALA C 93 8.16 -10.20 4.43
C ALA C 93 9.16 -10.40 3.29
N GLU C 94 8.82 -11.29 2.37
CA GLU C 94 9.68 -11.61 1.23
C GLU C 94 9.27 -10.85 0.00
N VAL C 95 10.24 -10.29 -0.69
CA VAL C 95 9.99 -9.68 -1.99
C VAL C 95 10.91 -10.37 -3.03
N VAL C 96 10.31 -11.16 -3.92
CA VAL C 96 11.07 -11.93 -4.91
C VAL C 96 10.97 -11.33 -6.32
N PHE C 97 12.10 -11.01 -6.92
CA PHE C 97 12.09 -10.26 -8.18
C PHE C 97 13.34 -10.38 -9.03
N THR C 98 13.15 -10.35 -10.35
CA THR C 98 14.26 -10.33 -11.30
C THR C 98 14.76 -8.92 -11.46
N ALA C 99 16.07 -8.73 -11.41
CA ALA C 99 16.63 -7.40 -11.58
C ALA C 99 17.73 -7.47 -12.57
N ASN C 100 18.04 -6.28 -13.13
CA ASN C 100 19.04 -6.05 -14.21
C ASN C 100 19.02 -6.86 -15.51
N ASP C 101 17.85 -7.36 -15.89
CA ASP C 101 17.71 -8.17 -17.09
C ASP C 101 17.34 -7.31 -18.31
N SER C 102 17.45 -6.00 -18.16
CA SER C 102 16.71 -5.14 -19.06
C SER C 102 17.20 -3.70 -19.07
N GLY C 103 18.52 -3.59 -19.21
CA GLY C 103 19.20 -2.32 -19.25
C GLY C 103 19.64 -1.94 -17.86
N PRO C 104 20.51 -0.90 -17.76
CA PRO C 104 20.91 -0.47 -16.41
C PRO C 104 19.82 0.41 -15.73
N ARG C 105 19.28 -0.07 -14.62
CA ARG C 105 18.24 0.65 -13.90
C ARG C 105 18.50 0.77 -12.38
N ARG C 106 17.93 1.78 -11.75
CA ARG C 106 17.94 1.87 -10.28
C ARG C 106 16.64 1.27 -9.72
N TYR C 107 16.73 0.51 -8.62
CA TYR C 107 15.55 -0.13 -8.00
C TYR C 107 15.20 0.45 -6.61
N THR C 108 13.91 0.53 -6.29
CA THR C 108 13.44 0.96 -4.97
C THR C 108 12.34 0.05 -4.43
N ILE C 109 12.66 -0.66 -3.34
CA ILE C 109 11.66 -1.45 -2.65
C ILE C 109 11.13 -0.57 -1.55
N ALA C 110 9.82 -0.59 -1.33
CA ALA C 110 9.25 0.15 -0.22
C ALA C 110 8.23 -0.74 0.41
N ALA C 111 8.30 -0.88 1.72
CA ALA C 111 7.35 -1.75 2.37
C ALA C 111 6.61 -0.99 3.44
N LEU C 112 5.33 -1.29 3.54
CA LEU C 112 4.45 -0.63 4.46
C LEU C 112 3.90 -1.69 5.40
N LEU C 113 4.17 -1.49 6.69
CA LEU C 113 4.01 -2.54 7.71
C LEU C 113 2.82 -2.43 8.64
N SER C 114 2.20 -3.58 8.89
CA SER C 114 1.17 -3.76 9.92
C SER C 114 1.28 -5.19 10.45
N PRO C 115 0.74 -5.44 11.66
CA PRO C 115 0.93 -6.75 12.30
C PRO C 115 0.43 -7.92 11.45
N TYR C 116 -0.73 -7.75 10.84
CA TYR C 116 -1.37 -8.84 10.12
C TYR C 116 -1.40 -8.55 8.61
N SER C 117 -0.62 -7.55 8.21
CA SER C 117 -0.64 -7.11 6.85
C SER C 117 0.59 -6.33 6.47
N TYR C 118 1.04 -6.53 5.25
CA TYR C 118 2.01 -5.63 4.66
C TYR C 118 1.79 -5.48 3.16
N SER C 119 2.34 -4.41 2.60
CA SER C 119 2.32 -4.22 1.18
C SER C 119 3.70 -3.84 0.70
N THR C 120 4.07 -4.37 -0.46
CA THR C 120 5.34 -3.97 -1.04
C THR C 120 5.16 -3.41 -2.45
N THR C 121 6.04 -2.47 -2.78
CA THR C 121 5.98 -1.80 -4.07
C THR C 121 7.36 -1.40 -4.56
N ALA C 122 7.48 -1.37 -5.89
CA ALA C 122 8.74 -1.13 -6.54
C ALA C 122 8.75 0.14 -7.37
N VAL C 123 9.87 0.85 -7.36
CA VAL C 123 10.03 1.99 -8.23
C VAL C 123 11.35 1.83 -8.96
N VAL C 124 11.23 1.36 -10.20
CA VAL C 124 12.38 1.15 -11.09
C VAL C 124 12.43 2.30 -12.08
N THR C 125 13.64 2.79 -12.35
CA THR C 125 13.86 4.00 -13.13
C THR C 125 14.70 3.78 -14.38
N ASN C 126 14.16 4.18 -15.55
CA ASN C 126 14.80 3.98 -16.87
C ASN C 126 16.27 4.37 -16.93
N CYS D 12 -13.22 -24.91 5.47
CA CYS D 12 -11.77 -25.26 5.36
C CYS D 12 -10.99 -24.63 6.50
N PRO D 13 -9.92 -25.32 6.96
CA PRO D 13 -8.91 -24.72 7.84
C PRO D 13 -8.10 -23.58 7.18
N LEU D 14 -7.89 -23.64 5.85
CA LEU D 14 -7.13 -22.60 5.12
C LEU D 14 -7.75 -22.19 3.76
N MET D 15 -8.20 -20.94 3.68
CA MET D 15 -8.79 -20.36 2.46
C MET D 15 -7.86 -19.26 1.90
N VAL D 16 -7.78 -19.13 0.56
CA VAL D 16 -6.96 -18.09 -0.10
C VAL D 16 -7.76 -17.29 -1.13
N LYS D 17 -7.84 -15.98 -0.90
CA LYS D 17 -8.55 -15.08 -1.79
C LYS D 17 -7.54 -14.16 -2.46
N VAL D 18 -7.61 -14.04 -3.78
CA VAL D 18 -6.71 -13.14 -4.54
C VAL D 18 -7.51 -12.18 -5.40
N LEU D 19 -7.10 -10.91 -5.43
CA LEU D 19 -7.79 -9.90 -6.20
C LEU D 19 -6.86 -9.20 -7.19
N ASP D 20 -7.48 -8.65 -8.24
CA ASP D 20 -6.81 -7.87 -9.27
C ASP D 20 -7.14 -6.39 -9.09
N ALA D 21 -6.14 -5.61 -8.71
CA ALA D 21 -6.29 -4.18 -8.43
C ALA D 21 -6.45 -3.33 -9.67
N VAL D 22 -6.23 -3.97 -10.83
CA VAL D 22 -6.13 -3.28 -12.12
C VAL D 22 -7.44 -3.44 -12.90
N ARG D 23 -7.85 -4.70 -13.11
CA ARG D 23 -9.07 -5.03 -13.83
C ARG D 23 -10.32 -4.96 -12.93
N GLY D 24 -10.11 -4.95 -11.61
CA GLY D 24 -11.19 -4.85 -10.64
C GLY D 24 -12.07 -6.08 -10.54
N SER D 25 -11.47 -7.19 -10.18
CA SER D 25 -12.18 -8.45 -10.23
C SER D 25 -11.39 -9.51 -9.50
N PRO D 26 -11.99 -10.72 -9.33
CA PRO D 26 -11.16 -11.81 -8.80
C PRO D 26 -9.98 -12.00 -9.73
N ALA D 27 -8.87 -12.49 -9.20
CA ALA D 27 -7.84 -12.99 -10.06
C ALA D 27 -8.24 -14.45 -10.29
N ILE D 28 -8.80 -14.74 -11.48
CA ILE D 28 -9.17 -16.12 -11.86
C ILE D 28 -7.91 -16.91 -12.28
N ASN D 29 -7.91 -18.23 -12.05
CA ASN D 29 -6.78 -19.13 -12.42
C ASN D 29 -5.37 -18.78 -11.94
N VAL D 30 -5.26 -18.07 -10.83
CA VAL D 30 -3.96 -17.90 -10.18
C VAL D 30 -3.55 -19.21 -9.48
N ALA D 31 -2.42 -19.76 -9.91
CA ALA D 31 -1.89 -20.99 -9.33
C ALA D 31 -1.31 -20.69 -7.96
N VAL D 32 -1.78 -21.43 -6.95
CA VAL D 32 -1.30 -21.30 -5.57
C VAL D 32 -0.64 -22.60 -5.10
N HIS D 33 0.52 -22.47 -4.47
CA HIS D 33 1.32 -23.61 -4.06
C HIS D 33 1.73 -23.46 -2.61
N VAL D 34 1.09 -24.21 -1.71
CA VAL D 34 1.40 -24.16 -0.26
C VAL D 34 2.47 -25.17 0.12
N PHE D 35 3.39 -24.72 0.98
CA PHE D 35 4.46 -25.57 1.48
C PHE D 35 4.44 -25.58 3.00
N ARG D 36 4.89 -26.68 3.64
CA ARG D 36 5.16 -26.67 5.10
C ARG D 36 6.64 -26.91 5.39
N LYS D 37 7.11 -26.51 6.56
CA LYS D 37 8.54 -26.59 6.81
C LYS D 37 9.00 -27.89 7.47
N ALA D 38 10.02 -28.52 6.88
CA ALA D 38 10.55 -29.82 7.31
C ALA D 38 11.49 -29.69 8.53
N ALA D 39 11.65 -30.80 9.27
CA ALA D 39 12.53 -30.86 10.44
C ALA D 39 13.94 -30.30 10.16
N ASP D 40 14.41 -30.45 8.94
CA ASP D 40 15.78 -30.05 8.55
C ASP D 40 15.88 -28.62 7.98
N ASP D 41 14.75 -28.07 7.52
CA ASP D 41 14.61 -26.67 7.00
C ASP D 41 14.41 -26.49 5.47
N THR D 42 13.64 -27.38 4.86
CA THR D 42 13.15 -27.18 3.50
C THR D 42 11.64 -27.20 3.55
N TRP D 43 11.00 -27.35 2.39
CA TRP D 43 9.55 -27.27 2.32
C TRP D 43 8.92 -28.49 1.66
N GLU D 44 7.86 -29.00 2.27
CA GLU D 44 7.08 -30.09 1.69
C GLU D 44 6.00 -29.44 0.89
N PRO D 45 5.79 -29.89 -0.37
CA PRO D 45 4.61 -29.39 -1.08
C PRO D 45 3.36 -29.88 -0.33
N PHE D 46 2.85 -29.06 0.59
CA PHE D 46 1.75 -29.47 1.47
C PHE D 46 0.41 -29.58 0.73
N ALA D 47 0.04 -28.55 0.00
CA ALA D 47 -1.18 -28.56 -0.82
C ALA D 47 -0.96 -27.68 -2.05
N SER D 48 -1.86 -27.77 -3.03
CA SER D 48 -1.85 -26.84 -4.16
C SER D 48 -3.14 -26.86 -5.00
N GLY D 49 -3.44 -25.73 -5.63
CA GLY D 49 -4.60 -25.59 -6.51
C GLY D 49 -4.54 -24.33 -7.34
N LYS D 50 -5.72 -23.86 -7.76
CA LYS D 50 -5.86 -22.67 -8.60
C LYS D 50 -7.05 -21.90 -8.07
N THR D 51 -7.03 -20.58 -8.20
CA THR D 51 -8.16 -19.79 -7.77
C THR D 51 -9.32 -20.05 -8.70
N SER D 52 -10.53 -20.04 -8.15
CA SER D 52 -11.74 -20.24 -8.95
C SER D 52 -12.21 -18.94 -9.61
N GLU D 53 -13.42 -18.98 -10.17
CA GLU D 53 -14.03 -17.83 -10.86
C GLU D 53 -14.28 -16.64 -9.91
N SER D 54 -14.27 -16.93 -8.62
CA SER D 54 -14.42 -15.91 -7.57
C SER D 54 -13.06 -15.62 -6.92
N GLY D 55 -12.06 -16.40 -7.31
CA GLY D 55 -10.68 -16.14 -6.94
C GLY D 55 -10.29 -16.80 -5.63
N GLU D 56 -11.17 -17.62 -5.09
CA GLU D 56 -10.92 -18.30 -3.82
C GLU D 56 -10.43 -19.73 -4.02
N LEU D 57 -9.60 -20.21 -3.09
CA LEU D 57 -9.14 -21.61 -3.11
C LEU D 57 -9.58 -22.41 -1.86
N HIS D 58 -10.80 -22.95 -1.93
CA HIS D 58 -11.32 -23.83 -0.90
C HIS D 58 -10.83 -25.26 -1.13
N GLY D 59 -10.80 -26.04 -0.05
CA GLY D 59 -10.46 -27.45 -0.11
C GLY D 59 -8.97 -27.71 -0.30
N LEU D 60 -8.12 -26.87 0.28
CA LEU D 60 -6.68 -27.12 0.23
C LEU D 60 -6.28 -28.26 1.13
N THR D 61 -6.80 -28.25 2.36
CA THR D 61 -6.42 -29.23 3.39
C THR D 61 -7.59 -29.52 4.38
N THR D 62 -7.32 -30.39 5.36
CA THR D 62 -8.27 -30.75 6.43
C THR D 62 -7.69 -30.46 7.81
N GLU D 63 -8.55 -30.18 8.79
CA GLU D 63 -8.12 -29.98 10.19
C GLU D 63 -7.07 -31.00 10.61
N GLU D 64 -7.33 -32.28 10.29
CA GLU D 64 -6.42 -33.42 10.51
C GLU D 64 -4.96 -33.21 10.04
N GLU D 65 -4.76 -33.03 8.73
CA GLU D 65 -3.43 -32.84 8.12
C GLU D 65 -2.79 -31.50 8.47
N PHE D 66 -3.63 -30.46 8.56
CA PHE D 66 -3.24 -29.09 8.96
C PHE D 66 -2.70 -29.13 10.41
N VAL D 67 -1.50 -29.68 10.55
CA VAL D 67 -0.80 -29.80 11.83
C VAL D 67 -0.13 -28.46 12.15
N GLU D 68 0.70 -28.42 13.19
CA GLU D 68 1.39 -27.18 13.50
C GLU D 68 2.77 -27.09 12.83
N GLY D 69 3.26 -25.86 12.74
CA GLY D 69 4.55 -25.58 12.13
C GLY D 69 4.52 -24.32 11.27
N ILE D 70 5.67 -24.06 10.65
CA ILE D 70 5.85 -22.92 9.74
C ILE D 70 5.30 -23.32 8.36
N TYR D 71 4.56 -22.39 7.76
CA TYR D 71 3.94 -22.58 6.44
C TYR D 71 4.17 -21.38 5.49
N LYS D 72 4.32 -21.66 4.19
CA LYS D 72 4.54 -20.66 3.13
C LYS D 72 3.42 -20.77 2.09
N VAL D 73 2.61 -19.73 1.95
CA VAL D 73 1.66 -19.68 0.83
C VAL D 73 2.27 -18.88 -0.32
N GLU D 74 2.47 -19.55 -1.45
CA GLU D 74 3.08 -18.94 -2.63
C GLU D 74 2.12 -18.79 -3.79
N ILE D 75 1.86 -17.55 -4.15
CA ILE D 75 0.88 -17.19 -5.15
C ILE D 75 1.63 -16.82 -6.44
N ASP D 76 1.31 -17.50 -7.54
CA ASP D 76 1.97 -17.21 -8.82
C ASP D 76 1.34 -16.01 -9.52
N THR D 77 1.95 -14.85 -9.33
CA THR D 77 1.45 -13.62 -9.92
C THR D 77 2.04 -13.36 -11.30
N LYS D 78 3.31 -13.74 -11.47
CA LYS D 78 4.02 -13.57 -12.75
C LYS D 78 3.19 -14.09 -13.91
N SER D 79 2.72 -15.33 -13.82
CA SER D 79 1.91 -15.93 -14.89
C SER D 79 0.64 -15.12 -15.16
N TYR D 80 -0.03 -14.75 -14.07
CA TYR D 80 -1.21 -13.93 -14.17
C TYR D 80 -0.94 -12.71 -15.05
N TRP D 81 0.17 -12.00 -14.79
CA TRP D 81 0.41 -10.71 -15.45
C TRP D 81 0.98 -10.83 -16.86
N LYS D 82 1.88 -11.79 -17.04
CA LYS D 82 2.50 -12.06 -18.35
C LYS D 82 1.42 -12.43 -19.35
N ALA D 83 0.46 -13.25 -18.92
CA ALA D 83 -0.69 -13.61 -19.74
C ALA D 83 -1.55 -12.39 -20.18
N LEU D 84 -1.11 -11.18 -19.83
CA LEU D 84 -1.87 -9.96 -20.09
C LEU D 84 -0.98 -8.85 -20.75
N GLY D 85 0.24 -9.21 -21.14
CA GLY D 85 1.12 -8.31 -21.87
C GLY D 85 2.28 -7.78 -21.05
N ILE D 86 2.00 -7.59 -19.76
CA ILE D 86 2.92 -6.88 -18.86
C ILE D 86 4.06 -7.76 -18.36
N SER D 87 5.25 -7.20 -18.34
CA SER D 87 6.38 -7.77 -17.62
C SER D 87 6.30 -7.30 -16.15
N PRO D 88 5.73 -8.14 -15.25
CA PRO D 88 5.57 -7.69 -13.86
C PRO D 88 6.88 -7.69 -13.10
N PHE D 89 6.92 -7.01 -11.97
CA PHE D 89 8.12 -6.93 -11.14
C PHE D 89 8.39 -8.17 -10.28
N HIS D 90 7.36 -8.71 -9.65
CA HIS D 90 7.54 -9.84 -8.77
C HIS D 90 7.42 -11.17 -9.47
N GLU D 91 8.29 -12.11 -9.10
CA GLU D 91 8.13 -13.54 -9.44
C GLU D 91 6.85 -14.20 -8.87
N HIS D 92 6.44 -13.76 -7.68
CA HIS D 92 5.33 -14.34 -6.94
C HIS D 92 5.24 -13.69 -5.58
N ALA D 93 4.12 -13.95 -4.91
CA ALA D 93 3.90 -13.49 -3.55
C ALA D 93 4.12 -14.63 -2.56
N GLU D 94 4.77 -14.30 -1.43
CA GLU D 94 5.02 -15.23 -0.30
C GLU D 94 4.63 -14.69 1.06
N VAL D 95 3.46 -15.13 1.53
CA VAL D 95 3.06 -15.04 2.94
C VAL D 95 3.69 -16.21 3.72
N VAL D 96 4.43 -15.91 4.78
CA VAL D 96 5.06 -16.95 5.62
C VAL D 96 4.65 -16.77 7.08
N PHE D 97 4.02 -17.78 7.66
CA PHE D 97 3.44 -17.67 8.99
C PHE D 97 3.46 -18.96 9.79
N THR D 98 3.58 -18.86 11.11
CA THR D 98 3.40 -20.01 12.01
C THR D 98 1.91 -20.25 12.24
N ALA D 99 1.50 -21.51 12.16
CA ALA D 99 0.10 -21.86 12.31
C ALA D 99 -0.17 -22.93 13.38
N ASN D 100 -1.26 -22.71 14.13
CA ASN D 100 -1.83 -23.66 15.08
C ASN D 100 -0.99 -23.96 16.33
N ASP D 101 -0.16 -23.02 16.74
CA ASP D 101 0.69 -23.21 17.92
C ASP D 101 -0.08 -23.06 19.25
N SER D 102 -1.38 -22.79 19.15
CA SER D 102 -2.28 -22.82 20.32
C SER D 102 -3.64 -23.48 19.97
N GLY D 103 -3.56 -24.65 19.32
CA GLY D 103 -4.74 -25.45 19.00
C GLY D 103 -5.42 -25.09 17.68
N PRO D 104 -6.74 -24.76 17.73
CA PRO D 104 -7.60 -24.52 16.55
C PRO D 104 -7.73 -23.05 16.08
N ARG D 105 -7.47 -22.83 14.78
CA ARG D 105 -7.67 -21.52 14.12
C ARG D 105 -7.91 -21.65 12.59
N ARG D 106 -8.87 -20.90 12.07
CA ARG D 106 -9.16 -20.87 10.62
C ARG D 106 -8.53 -19.61 9.93
N TYR D 107 -7.44 -19.83 9.19
CA TYR D 107 -6.67 -18.79 8.47
C TYR D 107 -7.21 -18.50 7.07
N THR D 108 -7.20 -17.23 6.69
CA THR D 108 -7.54 -16.81 5.33
C THR D 108 -6.52 -15.80 4.84
N ILE D 109 -5.67 -16.19 3.88
CA ILE D 109 -4.74 -15.25 3.25
C ILE D 109 -5.38 -14.48 2.08
N ALA D 110 -5.33 -13.14 2.11
CA ALA D 110 -5.91 -12.31 1.04
C ALA D 110 -4.84 -11.41 0.39
N ALA D 111 -4.75 -11.48 -0.95
CA ALA D 111 -3.74 -10.73 -1.72
C ALA D 111 -4.40 -9.79 -2.73
N LEU D 112 -3.88 -8.57 -2.80
CA LEU D 112 -4.35 -7.57 -3.75
C LEU D 112 -3.18 -7.30 -4.70
N LEU D 113 -3.45 -7.47 -6.00
CA LEU D 113 -2.39 -7.55 -6.99
C LEU D 113 -2.28 -6.38 -7.95
N SER D 114 -1.05 -5.93 -8.11
CA SER D 114 -0.68 -4.97 -9.13
C SER D 114 0.67 -5.43 -9.67
N PRO D 115 1.01 -5.06 -10.93
CA PRO D 115 2.31 -5.34 -11.55
C PRO D 115 3.52 -4.94 -10.74
N TYR D 116 3.46 -3.82 -10.03
CA TYR D 116 4.64 -3.37 -9.29
C TYR D 116 4.40 -3.27 -7.79
N SER D 117 3.36 -3.95 -7.36
CA SER D 117 2.95 -3.93 -5.98
C SER D 117 1.92 -4.99 -5.65
N TYR D 118 2.03 -5.52 -4.44
CA TYR D 118 0.96 -6.35 -3.89
C TYR D 118 0.91 -6.10 -2.38
N SER D 119 -0.27 -6.32 -1.80
CA SER D 119 -0.43 -6.30 -0.36
C SER D 119 -1.06 -7.61 0.07
N THR D 120 -0.63 -8.09 1.24
CA THR D 120 -1.10 -9.36 1.75
C THR D 120 -1.51 -9.22 3.22
N THR D 121 -2.58 -9.95 3.56
CA THR D 121 -3.28 -9.84 4.86
C THR D 121 -3.78 -11.23 5.29
N ALA D 122 -3.76 -11.49 6.59
CA ALA D 122 -4.33 -12.72 7.14
C ALA D 122 -5.57 -12.42 7.96
N VAL D 123 -6.65 -13.17 7.73
CA VAL D 123 -7.81 -13.11 8.59
C VAL D 123 -7.92 -14.42 9.35
N VAL D 124 -7.46 -14.38 10.60
CA VAL D 124 -7.45 -15.54 11.48
C VAL D 124 -8.60 -15.40 12.49
N THR D 125 -9.32 -16.50 12.70
CA THR D 125 -10.50 -16.57 13.60
C THR D 125 -10.61 -17.92 14.37
N ASN D 126 -11.35 -17.90 15.49
CA ASN D 126 -11.58 -19.02 16.46
C ASN D 126 -11.05 -18.78 17.88
N GLU E 2 5.63 -34.31 -46.51
CA GLU E 2 6.92 -34.50 -47.24
C GLU E 2 7.91 -33.33 -47.06
N ARG E 3 7.37 -32.12 -46.88
CA ARG E 3 8.19 -30.91 -46.66
C ARG E 3 8.87 -30.97 -45.28
N ASP E 4 10.21 -30.89 -45.27
CA ASP E 4 10.99 -31.00 -44.04
C ASP E 4 10.72 -29.75 -43.24
N CYS E 5 10.27 -29.91 -42.00
CA CYS E 5 9.94 -28.78 -41.16
C CYS E 5 10.79 -28.65 -39.91
N ARG E 6 11.94 -29.30 -39.91
CA ARG E 6 12.83 -29.19 -38.77
C ARG E 6 13.54 -27.84 -38.83
N VAL E 7 13.42 -27.07 -37.76
CA VAL E 7 13.98 -25.74 -37.80
C VAL E 7 15.45 -25.75 -38.16
N SER E 8 16.20 -26.76 -37.73
CA SER E 8 17.60 -26.83 -38.08
C SER E 8 17.84 -27.12 -39.57
N SER E 9 16.78 -27.40 -40.31
CA SER E 9 16.92 -27.65 -41.71
C SER E 9 16.65 -26.42 -42.56
N PHE E 10 16.30 -25.29 -41.94
CA PHE E 10 15.90 -24.08 -42.68
C PHE E 10 17.08 -23.29 -43.25
N ARG E 11 17.10 -23.03 -44.58
CA ARG E 11 18.07 -22.12 -45.24
C ARG E 11 18.09 -20.77 -44.50
N VAL E 12 19.27 -20.27 -44.13
CA VAL E 12 19.39 -18.85 -43.72
C VAL E 12 20.31 -18.02 -44.61
N LYS E 13 20.29 -16.71 -44.47
CA LYS E 13 21.15 -15.85 -45.31
C LYS E 13 22.65 -16.23 -45.34
N GLU E 14 23.16 -16.46 -46.54
CA GLU E 14 24.58 -16.68 -46.74
C GLU E 14 25.44 -15.41 -46.52
N ASN E 15 26.48 -15.51 -45.71
CA ASN E 15 27.38 -14.37 -45.47
C ASN E 15 26.58 -13.11 -45.23
N PHE E 16 25.71 -13.18 -44.24
CA PHE E 16 24.88 -12.06 -43.88
C PHE E 16 25.79 -10.95 -43.44
N ASP E 17 25.52 -9.73 -43.91
CA ASP E 17 26.36 -8.58 -43.67
C ASP E 17 25.62 -7.56 -42.79
N LYS E 18 25.97 -7.50 -41.51
CA LYS E 18 25.29 -6.54 -40.61
C LYS E 18 25.28 -5.11 -41.11
N ALA E 19 26.37 -4.69 -41.75
CA ALA E 19 26.47 -3.28 -42.15
C ALA E 19 25.45 -2.96 -43.23
N ARG E 20 25.36 -3.80 -44.27
CA ARG E 20 24.35 -3.54 -45.30
C ARG E 20 22.91 -3.68 -44.79
N PHE E 21 22.73 -4.30 -43.63
CA PHE E 21 21.41 -4.51 -43.08
C PHE E 21 20.94 -3.32 -42.25
N SER E 22 21.83 -2.39 -41.93
CA SER E 22 21.47 -1.39 -40.93
C SER E 22 20.51 -0.41 -41.54
N GLY E 23 19.91 0.43 -40.70
CA GLY E 23 18.94 1.41 -41.18
C GLY E 23 17.53 1.06 -40.83
N THR E 24 16.58 1.67 -41.51
CA THR E 24 15.17 1.54 -41.14
C THR E 24 14.58 0.40 -41.91
N TRP E 25 13.72 -0.38 -41.24
CA TRP E 25 12.99 -1.50 -41.82
C TRP E 25 11.59 -1.47 -41.31
N TYR E 26 10.61 -1.41 -42.21
CA TYR E 26 9.21 -1.39 -41.78
C TYR E 26 8.68 -2.80 -41.76
N ALA E 27 7.96 -3.14 -40.71
CA ALA E 27 7.38 -4.47 -40.60
C ALA E 27 6.14 -4.50 -41.43
N MET E 28 6.10 -5.38 -42.41
CA MET E 28 5.02 -5.44 -43.36
C MET E 28 4.01 -6.59 -43.07
N ALA E 29 4.46 -7.65 -42.44
CA ALA E 29 3.63 -8.82 -42.14
C ALA E 29 4.30 -9.53 -41.00
N LYS E 30 3.51 -10.10 -40.10
CA LYS E 30 4.05 -10.82 -38.98
C LYS E 30 3.30 -12.10 -38.71
N LYS E 31 4.01 -13.20 -38.45
CA LYS E 31 3.36 -14.39 -37.92
C LYS E 31 3.49 -14.38 -36.39
N ASP E 32 2.37 -14.29 -35.66
CA ASP E 32 2.41 -14.12 -34.19
C ASP E 32 2.79 -15.39 -33.44
N PRO E 33 3.50 -15.26 -32.30
CA PRO E 33 3.72 -16.44 -31.48
C PRO E 33 2.58 -16.55 -30.47
N GLU E 34 2.58 -17.54 -29.57
CA GLU E 34 1.66 -17.41 -28.43
C GLU E 34 2.08 -16.22 -27.59
N GLY E 35 1.12 -15.53 -26.97
CA GLY E 35 1.40 -14.37 -26.15
C GLY E 35 1.94 -13.28 -27.03
N LEU E 36 1.20 -12.90 -28.06
CA LEU E 36 1.69 -11.92 -29.03
C LEU E 36 1.84 -10.55 -28.37
N PHE E 37 2.78 -9.76 -28.84
CA PHE E 37 3.21 -8.55 -28.16
C PHE E 37 3.04 -7.36 -29.09
N LEU E 38 3.89 -7.22 -30.10
CA LEU E 38 3.80 -6.11 -31.04
C LEU E 38 2.58 -6.31 -31.91
N GLN E 39 1.69 -5.33 -31.96
CA GLN E 39 0.42 -5.42 -32.71
C GLN E 39 0.55 -4.96 -34.15
N ASP E 40 0.84 -3.67 -34.30
CA ASP E 40 0.93 -2.99 -35.56
C ASP E 40 1.79 -1.74 -35.42
N ASN E 41 1.95 -1.02 -36.52
CA ASN E 41 2.75 0.22 -36.54
C ASN E 41 4.21 -0.01 -36.19
N ILE E 42 4.75 -1.16 -36.59
CA ILE E 42 6.07 -1.60 -36.14
C ILE E 42 7.17 -1.18 -37.08
N VAL E 43 8.11 -0.39 -36.59
CA VAL E 43 9.26 0.05 -37.39
C VAL E 43 10.54 -0.18 -36.63
N ALA E 44 11.52 -0.85 -37.26
CA ALA E 44 12.80 -1.17 -36.61
C ALA E 44 13.92 -0.31 -37.14
N GLU E 45 14.88 0.00 -36.27
CA GLU E 45 16.12 0.69 -36.69
C GLU E 45 17.35 -0.12 -36.31
N PHE E 46 17.98 -0.74 -37.29
CA PHE E 46 19.19 -1.56 -37.08
C PHE E 46 20.52 -0.77 -37.18
N SER E 47 21.46 -1.06 -36.27
CA SER E 47 22.80 -0.42 -36.23
C SER E 47 23.92 -1.42 -36.05
N VAL E 48 25.16 -0.99 -36.25
CA VAL E 48 26.32 -1.80 -35.95
C VAL E 48 27.19 -0.97 -35.04
N ASP E 49 27.61 -1.58 -33.95
CA ASP E 49 28.60 -1.09 -32.98
C ASP E 49 30.01 -0.77 -33.49
N GLU E 50 30.69 0.03 -32.67
CA GLU E 50 32.16 0.13 -32.69
C GLU E 50 32.80 -1.26 -32.79
N THR E 51 32.45 -2.10 -31.83
CA THR E 51 32.95 -3.47 -31.76
C THR E 51 32.43 -4.43 -32.86
N GLY E 52 31.47 -3.99 -33.67
CA GLY E 52 30.93 -4.84 -34.74
C GLY E 52 29.64 -5.58 -34.39
N GLN E 53 29.19 -5.45 -33.15
CA GLN E 53 27.97 -6.06 -32.70
C GLN E 53 26.75 -5.39 -33.32
N MET E 54 25.75 -6.20 -33.68
CA MET E 54 24.52 -5.62 -34.23
C MET E 54 23.61 -5.27 -33.09
N SER E 55 22.82 -4.21 -33.24
CA SER E 55 21.73 -3.97 -32.30
C SER E 55 20.58 -3.31 -33.06
N ALA E 56 19.43 -3.10 -32.40
CA ALA E 56 18.29 -2.52 -33.10
C ALA E 56 17.39 -1.81 -32.15
N THR E 57 16.43 -1.05 -32.68
CA THR E 57 15.60 -0.27 -31.80
C THR E 57 14.16 -0.04 -32.29
N ALA E 58 13.36 -1.07 -32.32
CA ALA E 58 11.96 -0.97 -32.81
C ALA E 58 10.97 -0.06 -32.08
N LYS E 59 9.91 0.34 -32.77
CA LYS E 59 8.81 1.12 -32.22
C LYS E 59 7.49 0.47 -32.64
N GLY E 60 6.47 0.49 -31.79
CA GLY E 60 5.22 -0.19 -32.16
C GLY E 60 4.06 -0.09 -31.19
N ARG E 61 2.86 -0.39 -31.66
CA ARG E 61 1.72 -0.38 -30.79
C ARG E 61 1.55 -1.74 -30.10
N VAL E 62 1.43 -1.69 -28.77
CA VAL E 62 1.18 -2.89 -27.99
C VAL E 62 -0.16 -2.79 -27.26
N ARG E 63 -0.93 -3.85 -27.32
CA ARG E 63 -2.23 -3.86 -26.71
C ARG E 63 -2.11 -4.68 -25.43
N LEU E 64 -2.09 -3.96 -24.30
CA LEU E 64 -1.92 -4.53 -22.97
C LEU E 64 -3.26 -4.76 -22.25
N LEU E 65 -3.25 -5.60 -21.22
CA LEU E 65 -4.44 -5.85 -20.38
C LEU E 65 -5.70 -6.15 -21.21
N ASN E 66 -6.81 -5.56 -20.78
CA ASN E 66 -8.09 -5.63 -21.50
C ASN E 66 -7.90 -4.99 -22.87
N ASN E 67 -7.98 -3.67 -22.89
CA ASN E 67 -7.69 -2.93 -24.09
C ASN E 67 -6.96 -1.62 -23.77
N TRP E 68 -5.74 -1.77 -23.30
CA TRP E 68 -4.86 -0.64 -23.09
C TRP E 68 -3.82 -0.61 -24.22
N ASP E 69 -3.84 0.43 -25.05
CA ASP E 69 -2.89 0.54 -26.15
C ASP E 69 -1.77 1.47 -25.78
N VAL E 70 -0.54 1.09 -26.09
CA VAL E 70 0.59 1.94 -25.78
C VAL E 70 1.66 1.83 -26.87
N CYS E 71 2.43 2.90 -27.10
CA CYS E 71 3.57 2.80 -28.01
C CYS E 71 4.81 2.37 -27.27
N ALA E 72 5.25 1.17 -27.58
CA ALA E 72 6.41 0.58 -26.97
C ALA E 72 7.65 1.06 -27.69
N ASP E 73 8.65 1.50 -26.95
CA ASP E 73 9.98 1.67 -27.51
C ASP E 73 10.85 0.50 -27.15
N MET E 74 11.11 -0.39 -28.10
CA MET E 74 11.87 -1.59 -27.78
C MET E 74 13.32 -1.40 -28.07
N VAL E 75 14.14 -2.20 -27.42
CA VAL E 75 15.58 -2.25 -27.71
C VAL E 75 16.14 -3.68 -27.66
N GLY E 76 16.94 -4.06 -28.64
CA GLY E 76 17.48 -5.38 -28.66
C GLY E 76 18.94 -5.40 -29.04
N THR E 77 19.72 -6.32 -28.47
CA THR E 77 21.13 -6.49 -28.74
C THR E 77 21.38 -7.92 -29.17
N PHE E 78 22.23 -8.10 -30.18
CA PHE E 78 22.40 -9.37 -30.82
C PHE E 78 23.77 -9.91 -30.52
N THR E 79 23.84 -11.11 -29.94
CA THR E 79 25.14 -11.77 -29.83
C THR E 79 25.32 -12.74 -31.01
N ASP E 80 26.55 -12.87 -31.53
CA ASP E 80 26.81 -13.69 -32.70
C ASP E 80 26.83 -15.19 -32.41
N THR E 81 26.84 -15.98 -33.49
CA THR E 81 26.96 -17.42 -33.39
C THR E 81 27.88 -17.94 -34.50
N GLU E 82 28.14 -19.24 -34.51
CA GLU E 82 28.89 -19.91 -35.58
C GLU E 82 28.43 -19.44 -36.99
N ASP E 83 27.16 -19.09 -37.11
CA ASP E 83 26.50 -18.77 -38.37
C ASP E 83 26.24 -17.26 -38.46
N PRO E 84 26.73 -16.61 -39.53
CA PRO E 84 26.59 -15.16 -39.60
C PRO E 84 25.15 -14.63 -39.63
N ALA E 85 24.17 -15.50 -39.91
CA ALA E 85 22.77 -15.08 -40.02
C ALA E 85 21.90 -15.43 -38.81
N LYS E 86 22.50 -16.02 -37.77
CA LYS E 86 21.77 -16.46 -36.59
C LYS E 86 22.27 -15.76 -35.34
N PHE E 87 21.38 -15.12 -34.58
CA PHE E 87 21.79 -14.41 -33.38
C PHE E 87 21.01 -14.82 -32.18
N LYS E 88 21.50 -14.52 -30.99
CA LYS E 88 20.65 -14.51 -29.81
C LYS E 88 20.25 -13.05 -29.52
N MET E 89 18.94 -12.76 -29.48
CA MET E 89 18.50 -11.39 -29.26
C MET E 89 18.08 -11.15 -27.81
N LYS E 90 18.77 -10.25 -27.11
CA LYS E 90 18.33 -9.90 -25.75
C LYS E 90 17.58 -8.59 -25.87
N TYR E 91 16.36 -8.51 -25.33
CA TYR E 91 15.52 -7.36 -25.57
C TYR E 91 14.66 -7.01 -24.37
N TRP E 92 14.28 -5.73 -24.30
CA TRP E 92 13.38 -5.20 -23.27
C TRP E 92 12.91 -3.84 -23.84
N GLY E 93 11.90 -3.24 -23.21
CA GLY E 93 11.46 -1.91 -23.56
C GLY E 93 12.05 -0.86 -22.62
N VAL E 94 12.11 0.40 -23.06
CA VAL E 94 12.63 1.46 -22.20
C VAL E 94 11.76 1.50 -20.95
N ALA E 95 10.47 1.29 -21.11
CA ALA E 95 9.58 1.21 -19.98
C ALA E 95 9.64 -0.21 -19.43
N SER E 96 9.89 -0.38 -18.12
CA SER E 96 10.12 -1.72 -17.64
C SER E 96 8.89 -2.58 -17.56
N PHE E 97 7.72 -1.97 -17.51
CA PHE E 97 6.58 -2.88 -17.48
C PHE E 97 6.39 -3.65 -18.79
N LEU E 98 7.13 -3.28 -19.83
CA LEU E 98 7.03 -3.94 -21.15
C LEU E 98 7.83 -5.24 -21.21
N GLN E 99 7.33 -6.19 -21.99
CA GLN E 99 7.95 -7.49 -22.17
C GLN E 99 9.47 -7.50 -22.35
N LYS E 100 10.14 -8.37 -21.59
CA LYS E 100 11.58 -8.61 -21.75
C LYS E 100 11.83 -10.06 -22.18
N GLY E 101 13.02 -10.38 -22.69
CA GLY E 101 13.26 -11.73 -23.10
C GLY E 101 14.53 -11.94 -23.86
N ASN E 102 14.71 -13.15 -24.36
CA ASN E 102 15.92 -13.53 -25.04
C ASN E 102 15.60 -14.58 -26.12
N ASP E 103 15.59 -14.21 -27.39
CA ASP E 103 15.10 -15.10 -28.44
C ASP E 103 16.15 -15.40 -29.49
N ASP E 104 16.18 -16.62 -30.04
CA ASP E 104 17.00 -16.83 -31.23
C ASP E 104 16.50 -15.81 -32.27
N HIS E 105 17.37 -15.31 -33.13
CA HIS E 105 16.95 -14.31 -34.10
C HIS E 105 17.59 -14.59 -35.45
N TRP E 106 16.79 -15.07 -36.42
CA TRP E 106 17.38 -15.52 -37.68
C TRP E 106 17.08 -14.65 -38.86
N ILE E 107 18.11 -14.22 -39.59
CA ILE E 107 17.86 -13.64 -40.90
C ILE E 107 17.75 -14.70 -41.96
N VAL E 108 16.50 -15.06 -42.27
CA VAL E 108 16.23 -16.14 -43.18
C VAL E 108 16.65 -15.76 -44.59
N ASP E 109 16.26 -14.55 -44.98
CA ASP E 109 16.69 -14.00 -46.26
C ASP E 109 16.59 -12.50 -46.29
N THR E 110 17.43 -11.86 -47.10
CA THR E 110 17.30 -10.43 -47.36
C THR E 110 18.11 -10.05 -48.59
N ASP E 111 17.77 -8.93 -49.24
CA ASP E 111 18.61 -8.38 -50.31
C ASP E 111 19.08 -6.98 -49.90
N TYR E 112 18.90 -6.69 -48.61
CA TYR E 112 19.35 -5.45 -47.98
C TYR E 112 18.64 -4.17 -48.41
N ASP E 113 18.19 -4.13 -49.66
CA ASP E 113 17.62 -2.92 -50.29
C ASP E 113 16.11 -2.89 -50.32
N THR E 114 15.48 -4.06 -50.23
CA THR E 114 14.06 -4.14 -50.50
C THR E 114 13.32 -4.84 -49.39
N TYR E 115 13.75 -6.05 -49.05
CA TYR E 115 13.01 -6.91 -48.12
C TYR E 115 13.94 -7.69 -47.18
N ALA E 116 13.40 -8.11 -46.05
CA ALA E 116 14.06 -9.09 -45.20
C ALA E 116 12.98 -10.03 -44.67
N VAL E 117 13.33 -11.31 -44.48
CA VAL E 117 12.48 -12.22 -43.73
C VAL E 117 13.27 -12.73 -42.52
N GLN E 118 12.74 -12.42 -41.32
CA GLN E 118 13.32 -12.83 -40.03
C GLN E 118 12.51 -14.00 -39.48
N TYR E 119 13.11 -14.78 -38.60
CA TYR E 119 12.40 -15.91 -37.98
C TYR E 119 12.89 -16.18 -36.57
N SER E 120 12.00 -16.56 -35.71
CA SER E 120 12.42 -16.88 -34.38
C SER E 120 11.74 -18.13 -33.84
N CYS E 121 12.52 -19.09 -33.39
CA CYS E 121 11.91 -20.26 -32.79
C CYS E 121 12.01 -20.22 -31.27
N ARG E 122 10.86 -20.19 -30.60
CA ARG E 122 10.86 -20.01 -29.15
C ARG E 122 10.80 -21.31 -28.38
N LEU E 123 10.28 -22.35 -29.03
CA LEU E 123 10.03 -23.63 -28.39
C LEU E 123 9.98 -24.80 -29.42
N LEU E 124 10.60 -25.92 -29.07
CA LEU E 124 10.75 -27.03 -30.01
C LEU E 124 9.87 -28.26 -29.70
N ASN E 125 9.37 -28.91 -30.73
CA ASN E 125 8.87 -30.24 -30.50
C ASN E 125 10.04 -31.21 -30.56
N LEU E 126 9.83 -32.43 -30.07
CA LEU E 126 10.95 -33.33 -30.00
C LEU E 126 11.46 -33.92 -31.29
N ASP E 127 10.68 -33.82 -32.35
CA ASP E 127 11.10 -34.18 -33.69
C ASP E 127 11.86 -33.01 -34.37
N GLY E 128 12.09 -31.91 -33.64
CA GLY E 128 12.86 -30.80 -34.19
C GLY E 128 12.04 -29.73 -34.92
N THR E 129 10.73 -29.97 -35.03
CA THR E 129 9.83 -29.01 -35.62
C THR E 129 9.47 -27.97 -34.60
N CYS E 130 8.93 -26.87 -35.08
CA CYS E 130 8.71 -25.74 -34.22
C CYS E 130 7.37 -25.80 -33.50
N ALA E 131 7.38 -25.57 -32.19
CA ALA E 131 6.16 -25.57 -31.40
C ALA E 131 5.64 -24.17 -31.13
N ASP E 132 6.52 -23.16 -31.21
CA ASP E 132 6.13 -21.76 -31.03
C ASP E 132 7.15 -20.86 -31.71
N SER E 133 6.73 -20.16 -32.76
CA SER E 133 7.63 -19.34 -33.53
C SER E 133 6.99 -18.03 -33.86
N TYR E 134 7.81 -16.99 -34.08
CA TYR E 134 7.33 -15.81 -34.78
C TYR E 134 8.19 -15.46 -35.99
N SER E 135 7.60 -14.74 -36.94
CA SER E 135 8.37 -14.35 -38.11
C SER E 135 7.90 -13.00 -38.63
N PHE E 136 8.85 -12.11 -38.90
CA PHE E 136 8.53 -10.83 -39.51
C PHE E 136 9.00 -10.75 -40.97
N VAL E 137 8.21 -10.08 -41.81
CA VAL E 137 8.62 -9.68 -43.15
C VAL E 137 8.84 -8.17 -43.08
N PHE E 138 10.02 -7.69 -43.46
CA PHE E 138 10.28 -6.26 -43.43
C PHE E 138 10.47 -5.75 -44.85
N SER E 139 10.27 -4.47 -45.03
CA SER E 139 10.58 -3.83 -46.28
C SER E 139 11.28 -2.52 -46.02
N ARG E 140 12.13 -2.08 -46.95
CA ARG E 140 12.69 -0.72 -46.84
C ARG E 140 11.68 0.39 -47.12
N ASP E 141 10.60 0.04 -47.80
CA ASP E 141 9.60 1.00 -48.23
C ASP E 141 8.22 0.54 -47.72
N PRO E 142 7.59 1.39 -46.89
CA PRO E 142 6.34 1.04 -46.19
C PRO E 142 5.12 0.83 -47.09
N ASN E 143 5.19 1.26 -48.33
CA ASN E 143 4.02 1.15 -49.20
C ASN E 143 3.82 -0.25 -49.76
N GLY E 144 4.91 -1.01 -49.87
CA GLY E 144 4.82 -2.43 -50.23
C GLY E 144 6.04 -2.98 -50.93
N LEU E 145 5.88 -4.11 -51.62
CA LEU E 145 7.03 -4.77 -52.27
C LEU E 145 6.85 -4.91 -53.78
N PRO E 146 7.94 -4.77 -54.55
CA PRO E 146 7.81 -5.14 -55.96
C PRO E 146 7.54 -6.64 -56.11
N PRO E 147 6.87 -7.04 -57.20
CA PRO E 147 6.46 -8.42 -57.49
C PRO E 147 7.58 -9.47 -57.37
N GLU E 148 8.79 -9.11 -57.78
CA GLU E 148 9.96 -9.99 -57.64
C GLU E 148 10.25 -10.29 -56.17
N ALA E 149 10.21 -9.25 -55.34
CA ALA E 149 10.41 -9.40 -53.90
C ALA E 149 9.30 -10.20 -53.25
N GLN E 150 8.06 -9.86 -53.57
CA GLN E 150 6.94 -10.60 -53.02
C GLN E 150 7.05 -12.08 -53.30
N LYS E 151 7.55 -12.43 -54.49
CA LYS E 151 7.59 -13.80 -54.91
C LYS E 151 8.55 -14.61 -54.08
N ILE E 152 9.74 -14.07 -53.85
CA ILE E 152 10.76 -14.62 -52.95
C ILE E 152 10.18 -14.73 -51.54
N VAL E 153 9.65 -13.63 -51.01
CA VAL E 153 9.05 -13.67 -49.69
C VAL E 153 8.04 -14.81 -49.55
N ARG E 154 7.17 -15.01 -50.53
CA ARG E 154 6.15 -16.06 -50.37
C ARG E 154 6.84 -17.41 -50.27
N GLN E 155 7.86 -17.59 -51.10
CA GLN E 155 8.69 -18.80 -51.14
C GLN E 155 9.38 -19.06 -49.81
N ARG E 156 9.75 -17.98 -49.11
CA ARG E 156 10.40 -18.16 -47.81
C ARG E 156 9.38 -18.47 -46.72
N GLN E 157 8.20 -17.89 -46.84
CA GLN E 157 7.14 -18.19 -45.91
C GLN E 157 6.80 -19.65 -46.02
N GLU E 158 6.80 -20.15 -47.23
CA GLU E 158 6.51 -21.55 -47.48
C GLU E 158 7.56 -22.50 -46.87
N GLU E 159 8.83 -22.14 -46.99
CA GLU E 159 9.90 -22.95 -46.43
C GLU E 159 9.99 -22.94 -44.93
N LEU E 160 9.40 -21.96 -44.26
CA LEU E 160 9.47 -21.92 -42.80
C LEU E 160 8.28 -22.67 -42.23
N CYS E 161 7.53 -23.29 -43.14
CA CYS E 161 6.28 -23.96 -42.84
C CYS E 161 5.31 -22.98 -42.23
N LEU E 162 5.31 -21.75 -42.71
CA LEU E 162 4.38 -20.73 -42.21
C LEU E 162 3.44 -20.13 -43.25
N ALA E 163 3.44 -20.68 -44.47
CA ALA E 163 2.56 -20.22 -45.54
C ALA E 163 1.16 -19.85 -45.03
N ARG E 164 0.66 -18.70 -45.48
CA ARG E 164 -0.69 -18.26 -45.16
C ARG E 164 -0.90 -17.98 -43.68
N GLN E 165 0.16 -17.88 -42.87
CA GLN E 165 -0.07 -17.67 -41.43
C GLN E 165 0.28 -16.30 -40.93
N TYR E 166 0.61 -15.38 -41.84
CA TYR E 166 1.08 -14.06 -41.42
C TYR E 166 -0.04 -13.03 -41.36
N ARG E 167 -0.01 -12.22 -40.33
CA ARG E 167 -1.01 -11.19 -40.16
C ARG E 167 -0.43 -9.94 -40.82
N LEU E 168 -1.29 -9.15 -41.44
CA LEU E 168 -0.84 -7.95 -42.13
C LEU E 168 -0.59 -6.81 -41.15
N ILE E 169 0.50 -6.09 -41.30
CA ILE E 169 0.80 -5.05 -40.36
C ILE E 169 0.34 -3.71 -40.90
N VAL E 170 -0.53 -3.04 -40.15
CA VAL E 170 -1.11 -1.74 -40.48
C VAL E 170 -0.16 -0.60 -40.04
N HIS E 171 0.06 0.41 -40.88
CA HIS E 171 0.75 1.67 -40.45
C HIS E 171 -0.13 2.92 -40.65
N ASN E 172 -0.57 3.55 -39.56
CA ASN E 172 -1.45 4.71 -39.62
C ASN E 172 -0.97 5.84 -38.73
N GLY E 173 0.34 6.02 -38.65
CA GLY E 173 0.92 7.01 -37.73
C GLY E 173 0.47 7.00 -36.28
N TYR E 174 -0.09 5.91 -35.77
CA TYR E 174 -0.48 5.82 -34.37
C TYR E 174 0.64 6.18 -33.38
N CYS E 175 1.90 6.01 -33.76
CA CYS E 175 3.02 6.26 -32.86
C CYS E 175 3.83 7.44 -33.27
N ASP E 176 3.22 8.62 -33.37
CA ASP E 176 3.98 9.80 -33.81
C ASP E 176 4.29 10.78 -32.71
N GLY E 177 5.59 11.02 -32.55
CA GLY E 177 6.19 11.75 -31.42
C GLY E 177 5.48 13.03 -30.98
N GLU F 2 -31.04 13.97 47.06
CA GLU F 2 -30.31 14.16 48.34
C GLU F 2 -29.14 15.14 48.21
N ARG F 3 -27.95 14.58 47.98
CA ARG F 3 -26.72 15.34 47.68
C ARG F 3 -26.78 15.97 46.26
N ASP F 4 -26.50 17.28 46.17
CA ASP F 4 -26.54 18.00 44.91
C ASP F 4 -25.37 17.56 44.07
N CYS F 5 -25.66 17.08 42.87
CA CYS F 5 -24.64 16.49 42.02
C CYS F 5 -24.44 17.22 40.70
N ARG F 6 -24.81 18.50 40.66
CA ARG F 6 -24.64 19.28 39.46
C ARG F 6 -23.19 19.79 39.36
N VAL F 7 -22.53 19.53 38.25
CA VAL F 7 -21.13 19.88 38.20
C VAL F 7 -20.90 21.36 38.52
N SER F 8 -21.83 22.23 38.17
CA SER F 8 -21.66 23.66 38.43
C SER F 8 -21.75 24.04 39.93
N SER F 9 -22.25 23.12 40.73
CA SER F 9 -22.36 23.31 42.14
C SER F 9 -21.12 22.80 42.87
N PHE F 10 -20.19 22.18 42.16
CA PHE F 10 -19.00 21.62 42.81
C PHE F 10 -18.00 22.69 43.24
N ARG F 11 -17.63 22.69 44.53
CA ARG F 11 -16.61 23.62 45.03
C ARG F 11 -15.24 23.32 44.47
N VAL F 12 -14.58 24.34 43.94
CA VAL F 12 -13.16 24.23 43.51
C VAL F 12 -12.18 25.00 44.40
N LYS F 13 -10.88 24.83 44.16
CA LYS F 13 -9.87 25.53 44.95
C LYS F 13 -9.99 27.05 44.88
N GLU F 14 -10.09 27.69 46.04
CA GLU F 14 -10.07 29.14 46.15
C GLU F 14 -8.69 29.76 45.84
N ASN F 15 -8.66 30.79 45.02
CA ASN F 15 -7.39 31.45 44.70
C ASN F 15 -6.29 30.42 44.49
N PHE F 16 -6.54 29.48 43.58
CA PHE F 16 -5.56 28.51 43.18
C PHE F 16 -4.31 29.24 42.66
N ASP F 17 -3.15 28.81 43.13
CA ASP F 17 -1.86 29.41 42.78
C ASP F 17 -1.08 28.48 41.85
N LYS F 18 -0.93 28.85 40.59
CA LYS F 18 -0.25 27.94 39.66
C LYS F 18 1.17 27.65 40.08
N ALA F 19 1.81 28.63 40.71
CA ALA F 19 3.23 28.50 40.99
C ALA F 19 3.48 27.52 42.12
N ARG F 20 2.73 27.64 43.22
CA ARG F 20 2.85 26.66 44.30
C ARG F 20 2.44 25.26 43.85
N PHE F 21 1.65 25.20 42.77
CA PHE F 21 1.19 23.92 42.24
C PHE F 21 2.26 23.23 41.42
N SER F 22 3.37 23.90 41.13
CA SER F 22 4.23 23.34 40.11
C SER F 22 5.06 22.16 40.60
N GLY F 23 5.76 21.51 39.70
CA GLY F 23 6.59 20.39 40.09
C GLY F 23 5.94 19.05 39.89
N THR F 24 6.38 18.05 40.66
CA THR F 24 6.00 16.65 40.39
C THR F 24 4.84 16.22 41.26
N TRP F 25 3.85 15.58 40.63
CA TRP F 25 2.71 15.00 41.32
C TRP F 25 2.52 13.57 40.87
N TYR F 26 2.47 12.64 41.82
CA TYR F 26 2.24 11.25 41.46
C TYR F 26 0.75 10.91 41.50
N ALA F 27 0.28 10.18 40.51
CA ALA F 27 -1.15 9.87 40.44
C ALA F 27 -1.38 8.74 41.38
N MET F 28 -2.27 8.90 42.35
CA MET F 28 -2.44 7.88 43.37
C MET F 28 -3.76 7.09 43.22
N ALA F 29 -4.79 7.71 42.65
CA ALA F 29 -6.05 7.03 42.36
C ALA F 29 -6.63 7.75 41.16
N LYS F 30 -7.45 7.04 40.37
CA LYS F 30 -8.11 7.62 39.22
C LYS F 30 -9.52 7.08 39.10
N LYS F 31 -10.49 7.96 38.81
CA LYS F 31 -11.81 7.49 38.41
C LYS F 31 -11.84 7.52 36.88
N ASP F 32 -11.90 6.35 36.22
CA ASP F 32 -11.81 6.30 34.74
C ASP F 32 -13.03 6.89 34.02
N PRO F 33 -12.80 7.57 32.88
CA PRO F 33 -13.96 7.97 32.08
C PRO F 33 -14.29 6.82 31.13
N GLU F 34 -15.38 6.90 30.40
CA GLU F 34 -15.55 5.90 29.35
C GLU F 34 -14.41 6.09 28.36
N GLY F 35 -13.98 5.00 27.72
CA GLY F 35 -12.86 5.07 26.80
C GLY F 35 -11.60 5.45 27.54
N LEU F 36 -11.21 4.63 28.52
CA LEU F 36 -10.12 5.00 29.45
C LEU F 36 -8.75 4.95 28.79
N PHE F 37 -7.81 5.78 29.21
CA PHE F 37 -6.56 5.96 28.49
C PHE F 37 -5.32 5.63 29.35
N LEU F 38 -4.99 6.48 30.32
CA LEU F 38 -3.90 6.23 31.24
C LEU F 38 -4.27 5.12 32.19
N GLN F 39 -3.43 4.08 32.25
CA GLN F 39 -3.70 2.86 33.04
C GLN F 39 -3.13 2.93 34.42
N ASP F 40 -1.80 3.02 34.48
CA ASP F 40 -1.06 3.14 35.72
C ASP F 40 0.31 3.74 35.48
N ASN F 41 1.14 3.74 36.51
CA ASN F 41 2.49 4.36 36.45
C ASN F 41 2.47 5.82 36.01
N ILE F 42 1.46 6.56 36.48
CA ILE F 42 1.22 7.93 36.02
C ILE F 42 1.89 8.97 36.90
N VAL F 43 2.73 9.79 36.28
CA VAL F 43 3.43 10.86 36.99
C VAL F 43 3.35 12.12 36.15
N ALA F 44 2.92 13.23 36.75
CA ALA F 44 2.81 14.52 36.05
C ALA F 44 3.83 15.52 36.54
N GLU F 45 4.27 16.39 35.63
CA GLU F 45 5.18 17.49 35.96
C GLU F 45 4.51 18.79 35.54
N PHE F 46 4.12 19.61 36.52
CA PHE F 46 3.44 20.89 36.27
C PHE F 46 4.42 22.08 36.26
N SER F 47 4.27 22.98 35.29
CA SER F 47 5.15 24.17 35.18
C SER F 47 4.32 25.42 34.96
N VAL F 48 4.98 26.57 35.01
CA VAL F 48 4.36 27.83 34.67
C VAL F 48 5.30 28.55 33.71
N ASP F 49 4.76 29.10 32.63
CA ASP F 49 5.52 29.91 31.67
C ASP F 49 5.79 31.36 32.08
N GLU F 50 6.67 31.97 31.30
CA GLU F 50 6.93 33.41 31.29
C GLU F 50 5.66 34.26 31.32
N THR F 51 4.76 33.93 30.41
CA THR F 51 3.46 34.56 30.31
C THR F 51 2.51 34.27 31.52
N GLY F 52 2.84 33.30 32.37
CA GLY F 52 2.00 32.98 33.54
C GLY F 52 1.06 31.81 33.25
N GLN F 53 1.17 31.25 32.07
CA GLN F 53 0.30 30.19 31.65
C GLN F 53 0.80 28.85 32.18
N MET F 54 -0.14 27.99 32.61
CA MET F 54 0.25 26.72 33.21
C MET F 54 0.38 25.66 32.15
N SER F 55 1.33 24.74 32.30
CA SER F 55 1.36 23.59 31.41
C SER F 55 1.82 22.33 32.17
N ALA F 56 1.78 21.15 31.54
CA ALA F 56 2.22 19.94 32.21
C ALA F 56 2.70 18.87 31.26
N THR F 57 3.28 17.84 31.86
CA THR F 57 3.83 16.69 31.17
C THR F 57 3.36 15.49 31.95
N ALA F 58 3.28 14.34 31.33
CA ALA F 58 2.99 13.14 32.10
C ALA F 58 3.52 11.90 31.45
N LYS F 59 3.90 10.94 32.27
CA LYS F 59 4.37 9.67 31.79
C LYS F 59 3.38 8.66 32.31
N GLY F 60 3.15 7.59 31.56
CA GLY F 60 2.18 6.58 32.00
C GLY F 60 2.03 5.40 31.09
N ARG F 61 1.59 4.28 31.62
CA ARG F 61 1.33 3.12 30.81
C ARG F 61 -0.06 3.20 30.18
N VAL F 62 -0.11 2.98 28.87
CA VAL F 62 -1.37 2.90 28.16
C VAL F 62 -1.52 1.53 27.53
N ARG F 63 -2.71 0.94 27.63
CA ARG F 63 -2.95 -0.31 26.95
C ARG F 63 -3.69 0.05 25.69
N LEU F 64 -3.11 -0.30 24.54
CA LEU F 64 -3.69 0.00 23.23
C LEU F 64 -4.17 -1.27 22.58
N LEU F 65 -5.07 -1.14 21.61
CA LEU F 65 -5.65 -2.28 20.89
C LEU F 65 -6.25 -3.28 21.87
N ASN F 66 -5.97 -4.56 21.62
CA ASN F 66 -6.32 -5.63 22.56
C ASN F 66 -5.42 -5.55 23.78
N ASN F 67 -4.13 -5.80 23.58
CA ASN F 67 -3.16 -5.78 24.67
C ASN F 67 -1.74 -5.32 24.27
N TRP F 68 -1.66 -4.12 23.73
CA TRP F 68 -0.37 -3.51 23.45
C TRP F 68 -0.10 -2.43 24.51
N ASP F 69 0.92 -2.63 25.35
CA ASP F 69 1.26 -1.67 26.39
C ASP F 69 2.36 -0.77 25.91
N VAL F 70 2.23 0.53 26.19
CA VAL F 70 3.27 1.48 25.80
C VAL F 70 3.37 2.61 26.82
N CYS F 71 4.55 3.20 26.99
CA CYS F 71 4.68 4.38 27.84
C CYS F 71 4.41 5.61 27.04
N ALA F 72 3.36 6.30 27.44
CA ALA F 72 2.91 7.48 26.76
C ALA F 72 3.63 8.68 27.34
N ASP F 73 4.15 9.54 26.49
CA ASP F 73 4.65 10.82 26.96
C ASP F 73 3.66 11.91 26.62
N MET F 74 2.93 12.38 27.62
CA MET F 74 1.81 13.27 27.34
C MET F 74 2.22 14.67 27.57
N VAL F 75 1.51 15.59 26.93
CA VAL F 75 1.71 17.02 27.14
C VAL F 75 0.38 17.77 27.09
N GLY F 76 0.20 18.75 27.98
CA GLY F 76 -1.01 19.52 28.01
C GLY F 76 -0.79 20.98 28.32
N THR F 77 -1.62 21.86 27.75
CA THR F 77 -1.56 23.29 28.03
C THR F 77 -2.90 23.77 28.57
N PHE F 78 -2.86 24.63 29.56
CA PHE F 78 -4.05 25.07 30.23
C PHE F 78 -4.36 26.50 29.86
N THR F 79 -5.54 26.77 29.33
CA THR F 79 -5.92 28.16 29.15
C THR F 79 -6.80 28.53 30.36
N ASP F 80 -6.73 29.77 30.84
CA ASP F 80 -7.43 30.17 32.05
C ASP F 80 -8.89 30.48 31.77
N THR F 81 -9.64 30.70 32.84
CA THR F 81 -11.04 31.08 32.78
C THR F 81 -11.30 32.12 33.89
N GLU F 82 -12.57 32.51 34.05
CA GLU F 82 -12.99 33.47 35.07
C GLU F 82 -12.67 32.98 36.49
N ASP F 83 -12.46 31.67 36.63
CA ASP F 83 -12.22 31.02 37.92
C ASP F 83 -10.78 30.50 37.98
N PRO F 84 -9.99 30.96 38.95
CA PRO F 84 -8.58 30.56 38.91
C PRO F 84 -8.31 29.06 39.02
N ALA F 85 -9.31 28.27 39.44
CA ALA F 85 -9.13 26.80 39.58
C ALA F 85 -9.63 25.93 38.40
N LYS F 86 -10.24 26.57 37.42
CA LYS F 86 -10.85 25.89 36.27
C LYS F 86 -10.10 26.22 34.98
N PHE F 87 -9.70 25.20 34.23
CA PHE F 87 -8.99 25.43 33.00
C PHE F 87 -9.58 24.66 31.83
N LYS F 88 -9.23 25.05 30.62
CA LYS F 88 -9.41 24.15 29.50
C LYS F 88 -8.05 23.55 29.16
N MET F 89 -7.95 22.23 29.12
CA MET F 89 -6.70 21.55 28.84
C MET F 89 -6.65 21.02 27.40
N LYS F 90 -5.73 21.55 26.60
CA LYS F 90 -5.52 20.99 25.27
C LYS F 90 -4.37 20.02 25.48
N TYR F 91 -4.46 18.81 24.96
CA TYR F 91 -3.46 17.79 25.22
C TYR F 91 -3.31 16.84 24.05
N TRP F 92 -2.12 16.29 23.93
CA TRP F 92 -1.81 15.26 22.94
C TRP F 92 -0.56 14.55 23.45
N GLY F 93 -0.21 13.44 22.81
CA GLY F 93 1.03 12.74 23.09
C GLY F 93 2.12 13.09 22.08
N VAL F 94 3.40 13.04 22.51
CA VAL F 94 4.50 13.27 21.58
C VAL F 94 4.41 12.29 20.42
N ALA F 95 4.00 11.06 20.66
CA ALA F 95 3.75 10.16 19.56
C ALA F 95 2.33 10.44 19.07
N SER F 96 2.16 10.71 17.77
CA SER F 96 0.84 11.13 17.34
C SER F 96 -0.21 10.05 17.34
N PHE F 97 0.18 8.80 17.27
CA PHE F 97 -0.92 7.84 17.38
C PHE F 97 -1.66 7.88 18.73
N LEU F 98 -1.09 8.55 19.72
CA LEU F 98 -1.68 8.62 21.09
C LEU F 98 -2.81 9.63 21.19
N GLN F 99 -3.80 9.30 22.02
CA GLN F 99 -4.98 10.14 22.23
C GLN F 99 -4.75 11.63 22.37
N LYS F 100 -5.58 12.43 21.67
CA LYS F 100 -5.55 13.89 21.85
C LYS F 100 -6.93 14.43 22.22
N GLY F 101 -7.03 15.71 22.54
CA GLY F 101 -8.29 16.26 23.00
C GLY F 101 -8.19 17.55 23.76
N ASN F 102 -9.34 18.00 24.25
CA ASN F 102 -9.43 19.26 24.89
C ASN F 102 -10.47 19.16 26.03
N ASP F 103 -10.04 19.05 27.27
CA ASP F 103 -10.98 18.74 28.38
C ASP F 103 -11.04 19.86 29.39
N ASP F 104 -12.18 20.10 30.02
CA ASP F 104 -12.17 20.94 31.21
C ASP F 104 -11.19 20.31 32.20
N HIS F 105 -10.49 21.12 32.97
CA HIS F 105 -9.54 20.60 33.97
C HIS F 105 -9.72 21.37 35.27
N TRP F 106 -10.22 20.73 36.33
CA TRP F 106 -10.52 21.49 37.55
C TRP F 106 -9.67 21.07 38.70
N ILE F 107 -9.13 22.05 39.41
CA ILE F 107 -8.50 21.72 40.66
C ILE F 107 -9.54 21.85 41.75
N VAL F 108 -10.00 20.70 42.22
CA VAL F 108 -11.11 20.65 43.16
C VAL F 108 -10.59 21.06 44.49
N ASP F 109 -9.44 20.50 44.86
CA ASP F 109 -8.74 20.89 46.06
C ASP F 109 -7.28 20.55 46.00
N THR F 110 -6.47 21.32 46.71
CA THR F 110 -5.07 21.00 46.88
C THR F 110 -4.51 21.72 48.08
N ASP F 111 -3.30 21.33 48.40
CA ASP F 111 -2.57 21.62 49.59
C ASP F 111 -1.24 22.19 49.15
N TYR F 112 -0.93 21.93 47.88
CA TYR F 112 0.32 22.23 47.24
C TYR F 112 1.47 21.32 47.66
N ASP F 113 1.42 20.86 48.90
CA ASP F 113 2.52 20.13 49.57
C ASP F 113 2.29 18.67 49.70
N THR F 114 1.04 18.23 49.67
CA THR F 114 0.75 16.85 50.01
C THR F 114 -0.12 16.18 48.98
N TYR F 115 -1.24 16.83 48.62
CA TYR F 115 -2.26 16.20 47.80
C TYR F 115 -2.90 17.21 46.85
N ALA F 116 -3.39 16.72 45.72
CA ALA F 116 -4.30 17.50 44.89
C ALA F 116 -5.45 16.56 44.50
N VAL F 117 -6.66 17.10 44.34
CA VAL F 117 -7.75 16.36 43.71
C VAL F 117 -8.22 17.14 42.48
N GLN F 118 -8.13 16.51 41.31
CA GLN F 118 -8.48 17.12 40.03
C GLN F 118 -9.79 16.48 39.54
N TYR F 119 -10.53 17.17 38.68
CA TYR F 119 -11.76 16.62 38.13
C TYR F 119 -12.00 17.09 36.71
N SER F 120 -12.56 16.22 35.88
CA SER F 120 -12.93 16.63 34.54
C SER F 120 -14.31 16.13 34.12
N CYS F 121 -15.17 17.06 33.71
CA CYS F 121 -16.47 16.64 33.22
C CYS F 121 -16.49 16.71 31.72
N ARG F 122 -16.59 15.56 31.06
CA ARG F 122 -16.51 15.48 29.61
C ARG F 122 -17.85 15.59 28.94
N LEU F 123 -18.90 15.13 29.59
CA LEU F 123 -20.22 15.14 28.98
C LEU F 123 -21.32 15.33 30.05
N LEU F 124 -22.32 16.18 29.77
CA LEU F 124 -23.34 16.54 30.77
C LEU F 124 -24.73 15.87 30.56
N ASN F 125 -25.44 15.60 31.64
CA ASN F 125 -26.85 15.30 31.49
C ASN F 125 -27.62 16.60 31.54
N LEU F 126 -28.86 16.60 31.08
CA LEU F 126 -29.57 17.84 31.02
C LEU F 126 -29.98 18.48 32.33
N ASP F 127 -30.03 17.70 33.40
CA ASP F 127 -30.23 18.21 34.73
C ASP F 127 -28.93 18.74 35.36
N GLY F 128 -27.86 18.87 34.57
CA GLY F 128 -26.61 19.47 35.07
C GLY F 128 -25.62 18.52 35.73
N THR F 129 -26.01 17.25 35.90
CA THR F 129 -25.15 16.22 36.46
C THR F 129 -24.21 15.66 35.41
N CYS F 130 -23.22 14.93 35.87
CA CYS F 130 -22.17 14.44 35.01
C CYS F 130 -22.54 13.16 34.29
N ALA F 131 -22.33 13.07 33.00
CA ALA F 131 -22.59 11.82 32.26
C ALA F 131 -21.32 11.04 31.92
N ASP F 132 -20.17 11.72 31.96
CA ASP F 132 -18.87 11.09 31.74
C ASP F 132 -17.79 11.96 32.36
N SER F 133 -17.13 11.47 33.39
CA SER F 133 -16.14 12.26 34.07
C SER F 133 -14.91 11.45 34.37
N TYR F 134 -13.76 12.11 34.51
CA TYR F 134 -12.64 11.49 35.17
C TYR F 134 -12.10 12.32 36.33
N SER F 135 -11.51 11.66 37.31
CA SER F 135 -10.95 12.41 38.41
C SER F 135 -9.64 11.80 38.84
N PHE F 136 -8.64 12.62 39.08
CA PHE F 136 -7.38 12.12 39.60
C PHE F 136 -7.09 12.63 41.03
N VAL F 137 -6.52 11.76 41.87
CA VAL F 137 -5.99 12.15 43.19
C VAL F 137 -4.48 12.09 43.10
N PHE F 138 -3.81 13.20 43.35
CA PHE F 138 -2.33 13.21 43.26
C PHE F 138 -1.74 13.36 44.63
N SER F 139 -0.51 12.89 44.77
CA SER F 139 0.26 13.13 45.96
C SER F 139 1.67 13.57 45.61
N ARG F 140 2.28 14.37 46.48
CA ARG F 140 3.71 14.69 46.33
C ARG F 140 4.63 13.53 46.62
N ASP F 141 4.22 12.61 47.47
CA ASP F 141 5.02 11.44 47.80
C ASP F 141 4.30 10.15 47.33
N PRO F 142 4.96 9.34 46.49
CA PRO F 142 4.31 8.16 45.87
C PRO F 142 3.96 7.05 46.86
N ASN F 143 4.51 7.12 48.07
CA ASN F 143 4.26 6.08 49.04
C ASN F 143 2.86 6.15 49.62
N GLY F 144 2.35 7.37 49.80
CA GLY F 144 0.96 7.55 50.13
C GLY F 144 0.63 8.87 50.80
N LEU F 145 -0.45 8.87 51.55
CA LEU F 145 -0.94 10.11 52.15
C LEU F 145 -1.02 10.04 53.69
N PRO F 146 -0.67 11.13 54.38
CA PRO F 146 -0.94 11.10 55.82
C PRO F 146 -2.44 11.06 56.06
N PRO F 147 -2.87 10.53 57.20
CA PRO F 147 -4.29 10.36 57.53
C PRO F 147 -5.16 11.63 57.41
N GLU F 148 -4.58 12.79 57.69
CA GLU F 148 -5.27 14.07 57.54
C GLU F 148 -5.59 14.37 56.09
N ALA F 149 -4.67 14.04 55.19
CA ALA F 149 -4.90 14.23 53.75
C ALA F 149 -5.91 13.22 53.24
N GLN F 150 -5.77 11.97 53.63
CA GLN F 150 -6.71 10.95 53.22
C GLN F 150 -8.12 11.38 53.56
N LYS F 151 -8.33 11.95 54.75
CA LYS F 151 -9.65 12.31 55.23
C LYS F 151 -10.28 13.34 54.32
N ILE F 152 -9.55 14.42 54.01
CA ILE F 152 -9.99 15.44 53.08
C ILE F 152 -10.26 14.85 51.68
N VAL F 153 -9.31 14.08 51.15
CA VAL F 153 -9.49 13.47 49.87
C VAL F 153 -10.80 12.66 49.82
N ARG F 154 -11.09 11.87 50.84
CA ARG F 154 -12.30 11.05 50.80
C ARG F 154 -13.52 11.94 50.72
N GLN F 155 -13.47 13.03 51.47
CA GLN F 155 -14.49 14.04 51.52
C GLN F 155 -14.69 14.72 50.17
N ARG F 156 -13.60 14.93 49.43
CA ARG F 156 -13.75 15.53 48.11
C ARG F 156 -14.35 14.55 47.09
N GLN F 157 -13.99 13.28 47.25
CA GLN F 157 -14.50 12.26 46.38
C GLN F 157 -15.99 12.16 46.56
N GLU F 158 -16.41 12.25 47.82
CA GLU F 158 -17.81 12.19 48.19
C GLU F 158 -18.59 13.33 47.52
N GLU F 159 -18.04 14.53 47.55
CA GLU F 159 -18.72 15.68 46.98
C GLU F 159 -18.72 15.75 45.47
N LEU F 160 -17.82 15.05 44.79
CA LEU F 160 -17.86 15.03 43.34
C LEU F 160 -18.81 13.91 42.89
N CYS F 161 -19.44 13.29 43.87
CA CYS F 161 -20.36 12.18 43.68
C CYS F 161 -19.64 11.00 43.09
N LEU F 162 -18.38 10.83 43.51
CA LEU F 162 -17.55 9.73 43.02
C LEU F 162 -17.05 8.76 44.09
N ALA F 163 -17.59 8.87 45.30
CA ALA F 163 -17.23 7.94 46.38
C ALA F 163 -17.17 6.50 45.90
N ARG F 164 -16.14 5.82 46.35
CA ARG F 164 -15.96 4.38 46.14
C ARG F 164 -15.69 4.06 44.67
N GLN F 165 -15.48 5.05 43.82
CA GLN F 165 -15.39 4.76 42.37
C GLN F 165 -14.01 4.91 41.79
N TYR F 166 -13.00 5.12 42.62
CA TYR F 166 -11.65 5.36 42.11
C TYR F 166 -10.82 4.08 42.12
N ARG F 167 -10.07 3.88 41.05
CA ARG F 167 -9.20 2.74 40.90
C ARG F 167 -7.81 3.14 41.40
N LEU F 168 -7.13 2.22 42.09
CA LEU F 168 -5.79 2.45 42.67
C LEU F 168 -4.74 2.45 41.58
N ILE F 169 -3.88 3.45 41.54
CA ILE F 169 -2.88 3.49 40.51
C ILE F 169 -1.58 2.83 41.02
N VAL F 170 -1.12 1.77 40.36
CA VAL F 170 0.12 1.12 40.80
C VAL F 170 1.34 1.82 40.21
N HIS F 171 2.44 1.88 40.97
CA HIS F 171 3.73 2.41 40.48
C HIS F 171 4.88 1.41 40.64
N ASN F 172 5.19 0.65 39.58
CA ASN F 172 6.18 -0.41 39.62
C ASN F 172 7.34 -0.21 38.65
N GLY F 173 7.76 1.03 38.46
CA GLY F 173 8.84 1.33 37.53
C GLY F 173 8.69 0.90 36.07
N TYR F 174 7.52 0.44 35.65
CA TYR F 174 7.29 0.06 34.24
C TYR F 174 7.78 1.08 33.19
N CYS F 175 7.90 2.35 33.54
CA CYS F 175 8.25 3.38 32.58
C CYS F 175 9.62 3.99 32.80
N ASP F 176 10.65 3.16 32.85
CA ASP F 176 12.03 3.67 33.05
C ASP F 176 13.02 3.02 32.10
N GLY F 177 14.08 3.75 31.77
CA GLY F 177 15.14 3.23 30.89
C GLY F 177 15.16 3.94 29.53
#